data_4MI3
#
_entry.id   4MI3
#
_cell.length_a   128.630
_cell.length_b   128.630
_cell.length_c   117.040
_cell.angle_alpha   90.00
_cell.angle_beta   90.00
_cell.angle_gamma   90.00
#
_symmetry.space_group_name_H-M   'P 43 21 2'
#
loop_
_entity.id
_entity.type
_entity.pdbx_description
1 polymer 'Glycogen phosphorylase, muscle form'
2 non-polymer N-{(2R)-2-methyl-3-[4-(propan-2-yl)phenyl]propanoyl}-beta-D-glucopyranosylamine
3 water water
#
_entity_poly.entity_id   1
_entity_poly.type   'polypeptide(L)'
_entity_poly.pdbx_seq_one_letter_code
;QISVRGLAGVENVTELKKNFNRHLHFTLVKDRNVATPRDYYFALAHTVRDHLVGRWIRTQQHYYEKDPKRIYYLSLEFYM
GRTLQNTMVNLALENACDEATYQLGLDMEELEEIEEDAGLGNGGLGRLAACFLDSMATLGLAAYGYGIRYEFGIFNQKIC
GGWQMEEADDWLRYGNPWEKARPEFTLPVHFYGRVEHTSQGAKWVDTQVVLAMPYDTPVPGYRNNVVNTMRLWSAKAPND
FNLKDFNVGGYIQAVLDRNLAENISRVLYPNDNFFEGKELRLKQEYFVVAATLQDIIRRFKSSKFGCRDPVRTNFDAFPD
KVAIQLNDTHPSLAIPELMRVLVDLERLDWDKAWEVTVKTCAYTNHTVLPEALERWPVHLLETLLPRHLQIIYEINQRFL
NRVAAAFPGDVDRLRRMSLVEEGAVKRINMAHLCIAGSHAVNGVARIHSEILKKTIFKDFYELEPHKFQNKTNGITPRRW
LVLCNPGLAEIIAERIGEEYISDLDQLRKLLSYVDDEAFIRDVAKVKQENKLKFAAYLEREYKVHINPNSLFDVQVKRIH
EYKRQLLNCLHVITLYNRIKKEPNKFVVPRTVMIGGKAAPGYHMAKMIIKLITAIGDVVNHDPVVGDRLRVIFLENYRVS
LAEKVIPAADLSEQISTAGTEASGTGNM(LLP)FMLNGALTIGTMDGANVEMAEEAGEENFFIFGMRVEDVDRLDQRGYN
AQEYYDRIPELRQIIEQLSSGFFSPKQPDLFKDIVNMLMHHDRFKVFADYEEYVKCQERVSALYKNPREWTRMVIRNIAT
SGKFSSDRTIAQYAREIWGVEPSRQRLPA
;
_entity_poly.pdbx_strand_id   A
#
loop_
_chem_comp.id
_chem_comp.type
_chem_comp.name
_chem_comp.formula
26R saccharide N-{(2R)-2-methyl-3-[4-(propan-2-yl)phenyl]propanoyl}-beta-D-glucopyranosylamine 'C19 H29 N O6'
#
# COMPACT_ATOMS: atom_id res chain seq x y z
N GLN A 1 -26.25 -17.12 -6.35
CA GLN A 1 -26.13 -17.19 -7.84
C GLN A 1 -24.84 -17.90 -8.31
N ILE A 2 -23.68 -17.55 -7.71
CA ILE A 2 -22.40 -18.22 -8.01
C ILE A 2 -21.84 -18.93 -6.77
N SER A 3 -21.10 -20.03 -6.98
CA SER A 3 -20.74 -20.98 -5.90
C SER A 3 -19.75 -20.45 -4.84
N VAL A 4 -18.74 -19.70 -5.27
CA VAL A 4 -17.71 -19.16 -4.34
C VAL A 4 -18.30 -18.19 -3.30
N ARG A 5 -19.44 -17.56 -3.64
CA ARG A 5 -20.15 -16.65 -2.72
C ARG A 5 -20.93 -17.30 -1.55
N GLY A 6 -20.82 -18.63 -1.37
CA GLY A 6 -21.45 -19.34 -0.22
C GLY A 6 -22.91 -19.77 -0.38
N LEU A 7 -23.43 -20.46 0.65
CA LEU A 7 -24.83 -20.93 0.69
C LEU A 7 -25.83 -19.83 1.05
N ALA A 8 -27.04 -19.93 0.49
CA ALA A 8 -28.15 -19.08 0.88
C ALA A 8 -29.23 -19.94 1.58
N GLY A 9 -28.89 -20.45 2.76
CA GLY A 9 -29.82 -21.22 3.60
C GLY A 9 -31.08 -20.46 3.98
N VAL A 10 -32.23 -21.14 3.93
CA VAL A 10 -33.56 -20.55 4.20
C VAL A 10 -33.63 -19.94 5.60
N GLU A 11 -33.11 -20.70 6.57
CA GLU A 11 -32.96 -20.26 7.97
C GLU A 11 -32.14 -18.97 8.05
N ASN A 12 -30.94 -19.01 7.47
CA ASN A 12 -30.06 -17.87 7.45
C ASN A 12 -30.65 -16.66 6.79
N VAL A 13 -31.28 -16.83 5.63
CA VAL A 13 -31.87 -15.70 4.90
C VAL A 13 -32.98 -15.04 5.74
N THR A 14 -33.74 -15.87 6.45
CA THR A 14 -34.86 -15.40 7.27
C THR A 14 -34.33 -14.56 8.43
N GLU A 15 -33.31 -15.10 9.12
CA GLU A 15 -32.64 -14.43 10.21
C GLU A 15 -32.00 -13.06 9.85
N LEU A 16 -31.27 -13.01 8.73
CA LEU A 16 -30.70 -11.77 8.25
C LEU A 16 -31.79 -10.72 8.01
N LYS A 17 -32.90 -11.14 7.42
CA LYS A 17 -34.00 -10.20 7.16
C LYS A 17 -34.52 -9.57 8.44
N LYS A 18 -34.73 -10.38 9.47
CA LYS A 18 -35.27 -9.84 10.71
C LYS A 18 -34.28 -8.96 11.45
N ASN A 19 -33.00 -9.31 11.43
CA ASN A 19 -31.99 -8.46 12.04
C ASN A 19 -31.83 -7.15 11.25
N PHE A 20 -31.92 -7.21 9.93
CA PHE A 20 -31.90 -6.00 9.12
C PHE A 20 -33.01 -5.03 9.56
N ASN A 21 -34.22 -5.57 9.74
CA ASN A 21 -35.33 -4.75 10.16
C ASN A 21 -35.19 -4.26 11.59
N ARG A 22 -34.68 -5.09 12.47
CA ARG A 22 -34.38 -4.66 13.82
C ARG A 22 -33.46 -3.41 13.83
N HIS A 23 -32.34 -3.46 13.08
CA HIS A 23 -31.40 -2.33 13.07
C HIS A 23 -31.98 -1.11 12.41
N LEU A 24 -32.76 -1.30 11.36
CA LEU A 24 -33.37 -0.16 10.72
C LEU A 24 -34.24 0.62 11.72
N HIS A 25 -34.94 -0.11 12.59
CA HIS A 25 -35.92 0.46 13.51
C HIS A 25 -35.20 0.97 14.79
N PHE A 26 -34.53 0.07 15.49
CA PHE A 26 -33.90 0.42 16.77
C PHE A 26 -32.53 1.13 16.67
N THR A 27 -31.70 0.79 15.69
CA THR A 27 -30.35 1.40 15.59
C THR A 27 -30.36 2.69 14.81
N LEU A 28 -31.05 2.70 13.68
CA LEU A 28 -31.09 3.87 12.86
C LEU A 28 -32.26 4.78 13.20
N VAL A 29 -33.28 4.26 13.90
CA VAL A 29 -34.48 5.05 14.28
C VAL A 29 -35.13 5.62 13.03
N LYS A 30 -35.51 4.71 12.14
CA LYS A 30 -36.17 5.02 10.86
C LYS A 30 -37.26 3.98 10.59
N ASP A 31 -38.14 4.28 9.64
CA ASP A 31 -39.07 3.27 9.09
C ASP A 31 -38.92 3.28 7.58
N ARG A 32 -39.50 2.27 6.93
CA ARG A 32 -39.30 2.05 5.49
C ARG A 32 -39.80 3.22 4.63
N ASN A 33 -40.61 4.12 5.17
CA ASN A 33 -41.18 5.22 4.39
C ASN A 33 -40.27 6.44 4.26
N VAL A 34 -39.29 6.58 5.15
CA VAL A 34 -38.35 7.71 5.04
C VAL A 34 -36.88 7.31 4.86
N ALA A 35 -36.57 6.02 4.98
CA ALA A 35 -35.22 5.50 4.80
C ALA A 35 -34.60 5.80 3.42
N THR A 36 -33.38 6.34 3.43
CA THR A 36 -32.59 6.50 2.21
C THR A 36 -31.78 5.23 1.91
N PRO A 37 -31.18 5.16 0.72
CA PRO A 37 -30.24 4.05 0.48
C PRO A 37 -29.09 4.01 1.50
N ARG A 38 -28.64 5.18 1.97
CA ARG A 38 -27.61 5.21 2.99
C ARG A 38 -28.08 4.50 4.25
N ASP A 39 -29.34 4.68 4.63
CA ASP A 39 -29.88 3.98 5.83
C ASP A 39 -29.89 2.48 5.62
N TYR A 40 -30.23 2.05 4.41
CA TYR A 40 -30.28 0.62 4.11
C TYR A 40 -28.87 0.04 4.19
N TYR A 41 -27.89 0.76 3.64
CA TYR A 41 -26.49 0.35 3.79
C TYR A 41 -26.12 0.13 5.25
N PHE A 42 -26.44 1.10 6.10
CA PHE A 42 -26.09 0.98 7.53
C PHE A 42 -26.77 -0.17 8.25
N ALA A 43 -28.03 -0.42 7.91
CA ALA A 43 -28.74 -1.52 8.53
C ALA A 43 -28.08 -2.87 8.16
N LEU A 44 -27.68 -3.01 6.90
CA LEU A 44 -26.90 -4.20 6.47
C LEU A 44 -25.53 -4.29 7.16
N ALA A 45 -24.78 -3.19 7.19
CA ALA A 45 -23.48 -3.16 7.88
C ALA A 45 -23.59 -3.63 9.33
N HIS A 46 -24.57 -3.10 10.06
CA HIS A 46 -24.79 -3.53 11.45
C HIS A 46 -25.22 -4.99 11.57
N THR A 47 -25.96 -5.45 10.58
CA THR A 47 -26.39 -6.86 10.55
C THR A 47 -25.16 -7.76 10.38
N VAL A 48 -24.33 -7.44 9.40
CA VAL A 48 -23.12 -8.23 9.17
C VAL A 48 -22.15 -8.15 10.38
N ARG A 49 -22.01 -6.95 10.95
CA ARG A 49 -21.12 -6.74 12.10
C ARG A 49 -21.50 -7.63 13.29
N ASP A 50 -22.80 -7.80 13.52
CA ASP A 50 -23.23 -8.70 14.60
C ASP A 50 -22.63 -10.12 14.49
N HIS A 51 -22.51 -10.65 13.28
CA HIS A 51 -21.86 -11.97 13.10
C HIS A 51 -20.36 -12.00 13.42
N LEU A 52 -19.69 -10.86 13.35
CA LEU A 52 -18.28 -10.78 13.76
C LEU A 52 -18.03 -10.93 15.25
N VAL A 53 -18.89 -10.32 16.07
CA VAL A 53 -18.48 -10.00 17.45
C VAL A 53 -18.36 -11.24 18.30
N GLY A 54 -19.20 -12.24 18.02
CA GLY A 54 -19.11 -13.51 18.71
C GLY A 54 -17.75 -14.14 18.50
N ARG A 55 -17.30 -14.15 17.24
CA ARG A 55 -15.98 -14.67 16.87
C ARG A 55 -14.83 -13.77 17.36
N TRP A 56 -15.04 -12.46 17.30
CA TRP A 56 -14.07 -11.50 17.87
C TRP A 56 -13.83 -11.75 19.36
N ILE A 57 -14.89 -11.90 20.13
CA ILE A 57 -14.76 -12.10 21.57
C ILE A 57 -14.09 -13.43 21.88
N ARG A 58 -14.46 -14.48 21.17
CA ARG A 58 -13.85 -15.79 21.49
C ARG A 58 -12.43 -15.94 20.94
N THR A 59 -12.09 -15.30 19.82
CA THR A 59 -10.70 -15.28 19.37
C THR A 59 -9.86 -14.64 20.46
N GLN A 60 -10.22 -13.44 20.89
CA GLN A 60 -9.43 -12.72 21.92
C GLN A 60 -9.41 -13.49 23.24
N GLN A 61 -10.53 -14.11 23.60
CA GLN A 61 -10.57 -15.06 24.72
C GLN A 61 -9.56 -16.20 24.51
N HIS A 62 -9.60 -16.84 23.34
CA HIS A 62 -8.67 -17.92 22.99
C HIS A 62 -7.21 -17.53 23.20
N TYR A 63 -6.81 -16.34 22.74
CA TYR A 63 -5.42 -15.88 22.89
C TYR A 63 -5.06 -15.65 24.35
N TYR A 64 -6.01 -15.21 25.14
CA TYR A 64 -5.77 -15.06 26.57
C TYR A 64 -5.50 -16.40 27.26
N GLU A 65 -6.21 -17.46 26.86
CA GLU A 65 -6.08 -18.77 27.49
C GLU A 65 -4.78 -19.42 27.10
N LYS A 66 -4.56 -19.49 25.78
CA LYS A 66 -3.39 -20.12 25.21
C LYS A 66 -2.09 -19.31 25.30
N ASP A 67 -2.19 -17.98 25.44
CA ASP A 67 -1.01 -17.10 25.52
C ASP A 67 0.09 -17.36 24.45
N PRO A 68 -0.26 -17.33 23.14
CA PRO A 68 0.77 -17.53 22.14
C PRO A 68 1.68 -16.30 22.03
N LYS A 69 2.77 -16.43 21.30
CA LYS A 69 3.58 -15.27 20.99
C LYS A 69 2.72 -14.31 20.16
N ARG A 70 2.76 -13.01 20.49
CA ARG A 70 1.92 -12.01 19.80
C ARG A 70 2.75 -11.19 18.83
N ILE A 71 2.20 -10.93 17.66
CA ILE A 71 2.86 -10.13 16.61
C ILE A 71 2.19 -8.76 16.57
N TYR A 72 3.01 -7.72 16.70
CA TYR A 72 2.57 -6.34 16.65
C TYR A 72 3.15 -5.68 15.42
N TYR A 73 2.27 -5.32 14.49
CA TYR A 73 2.64 -4.74 13.23
C TYR A 73 2.37 -3.23 13.32
N LEU A 74 3.43 -2.44 13.43
CA LEU A 74 3.36 -1.01 13.64
C LEU A 74 3.50 -0.29 12.32
N SER A 75 2.47 0.50 11.99
CA SER A 75 2.48 1.27 10.73
C SER A 75 1.78 2.59 10.96
N LEU A 76 2.24 3.62 10.25
CA LEU A 76 1.51 4.89 10.24
C LEU A 76 0.37 4.87 9.25
N GLU A 77 0.30 3.82 8.43
CA GLU A 77 -0.69 3.75 7.36
C GLU A 77 -1.30 2.37 7.28
N PHE A 78 -2.63 2.34 7.15
CA PHE A 78 -3.39 1.14 6.85
C PHE A 78 -4.41 1.49 5.79
N TYR A 79 -4.16 1.10 4.56
CA TYR A 79 -5.01 1.51 3.49
C TYR A 79 -6.09 0.44 3.25
N MET A 80 -7.19 0.53 4.01
CA MET A 80 -8.10 -0.61 4.18
C MET A 80 -9.15 -0.72 3.10
N GLY A 81 -9.58 0.39 2.53
CA GLY A 81 -10.69 0.38 1.56
C GLY A 81 -12.01 0.12 2.27
N ARG A 82 -12.99 -0.43 1.55
CA ARG A 82 -14.28 -0.80 2.13
C ARG A 82 -14.22 -2.12 2.84
N THR A 83 -15.08 -2.24 3.85
CA THR A 83 -15.13 -3.39 4.74
C THR A 83 -16.35 -4.35 4.56
N LEU A 84 -17.47 -3.87 4.07
CA LEU A 84 -18.70 -4.68 4.07
C LEU A 84 -18.56 -5.97 3.27
N GLN A 85 -18.14 -5.83 2.01
CA GLN A 85 -18.07 -6.97 1.10
C GLN A 85 -16.98 -7.92 1.56
N ASN A 86 -15.85 -7.36 1.99
CA ASN A 86 -14.77 -8.20 2.50
C ASN A 86 -15.20 -9.08 3.65
N THR A 87 -16.03 -8.50 4.52
CA THR A 87 -16.47 -9.19 5.71
C THR A 87 -17.45 -10.33 5.31
N MET A 88 -18.34 -10.06 4.37
CA MET A 88 -19.24 -11.10 3.88
C MET A 88 -18.44 -12.27 3.30
N VAL A 89 -17.45 -11.95 2.46
CA VAL A 89 -16.66 -12.98 1.80
C VAL A 89 -15.98 -13.86 2.83
N ASN A 90 -15.34 -13.26 3.83
CA ASN A 90 -14.59 -14.03 4.83
C ASN A 90 -15.46 -14.80 5.81
N LEU A 91 -16.72 -14.43 5.91
CA LEU A 91 -17.69 -15.13 6.78
C LEU A 91 -18.63 -16.06 5.99
N ALA A 92 -18.55 -16.06 4.67
CA ALA A 92 -19.35 -16.94 3.82
C ALA A 92 -20.82 -16.54 3.79
N LEU A 93 -21.06 -15.23 3.78
CA LEU A 93 -22.39 -14.63 3.95
C LEU A 93 -22.86 -13.88 2.72
N GLU A 94 -22.00 -13.81 1.71
CA GLU A 94 -22.29 -12.98 0.56
C GLU A 94 -23.63 -13.31 -0.15
N ASN A 95 -23.90 -14.60 -0.35
CA ASN A 95 -25.08 -15.03 -1.12
C ASN A 95 -26.32 -14.95 -0.26
N ALA A 96 -26.19 -15.29 1.02
CA ALA A 96 -27.29 -15.13 1.96
C ALA A 96 -27.73 -13.66 2.04
N CYS A 97 -26.79 -12.74 2.18
CA CYS A 97 -27.13 -11.30 2.24
C CYS A 97 -27.74 -10.79 0.95
N ASP A 98 -27.22 -11.31 -0.16
CA ASP A 98 -27.75 -10.96 -1.48
C ASP A 98 -29.23 -11.38 -1.59
N GLU A 99 -29.49 -12.61 -1.19
CA GLU A 99 -30.85 -13.17 -1.19
C GLU A 99 -31.72 -12.38 -0.24
N ALA A 100 -31.27 -12.27 1.01
CA ALA A 100 -31.98 -11.53 2.05
C ALA A 100 -32.33 -10.12 1.63
N THR A 101 -31.40 -9.40 1.00
CA THR A 101 -31.66 -8.02 0.60
C THR A 101 -32.59 -7.95 -0.63
N TYR A 102 -32.40 -8.87 -1.58
CA TYR A 102 -33.29 -9.01 -2.74
C TYR A 102 -34.75 -9.21 -2.29
N GLN A 103 -34.95 -10.08 -1.30
CA GLN A 103 -36.29 -10.33 -0.75
C GLN A 103 -36.90 -9.12 -0.05
N LEU A 104 -36.06 -8.21 0.45
CA LEU A 104 -36.52 -6.93 1.01
C LEU A 104 -36.71 -5.88 -0.06
N GLY A 105 -36.45 -6.23 -1.32
CA GLY A 105 -36.62 -5.29 -2.43
C GLY A 105 -35.43 -4.39 -2.66
N LEU A 106 -34.24 -4.81 -2.23
CA LEU A 106 -33.05 -3.98 -2.34
C LEU A 106 -31.98 -4.69 -3.17
N ASP A 107 -31.16 -3.89 -3.87
CA ASP A 107 -29.99 -4.39 -4.58
C ASP A 107 -28.72 -4.17 -3.75
N MET A 108 -28.13 -5.26 -3.28
CA MET A 108 -26.96 -5.19 -2.41
C MET A 108 -25.75 -4.45 -3.00
N GLU A 109 -25.51 -4.61 -4.30
CA GLU A 109 -24.38 -3.93 -4.95
C GLU A 109 -24.50 -2.44 -4.91
N GLU A 110 -25.74 -1.96 -5.00
CA GLU A 110 -26.02 -0.53 -4.90
C GLU A 110 -25.66 -0.01 -3.50
N LEU A 111 -26.02 -0.78 -2.49
CA LEU A 111 -25.71 -0.44 -1.09
C LEU A 111 -24.21 -0.49 -0.78
N GLU A 112 -23.50 -1.43 -1.40
CA GLU A 112 -22.04 -1.53 -1.28
C GLU A 112 -21.32 -0.25 -1.73
N GLU A 113 -21.85 0.42 -2.77
CA GLU A 113 -21.25 1.63 -3.32
C GLU A 113 -21.37 2.84 -2.42
N ILE A 114 -22.21 2.77 -1.39
CA ILE A 114 -22.39 3.89 -0.46
C ILE A 114 -21.25 3.98 0.58
N GLU A 115 -20.67 2.85 0.91
CA GLU A 115 -19.60 2.80 1.92
C GLU A 115 -18.40 3.67 1.48
N GLU A 116 -17.89 4.48 2.39
CA GLU A 116 -16.63 5.24 2.18
C GLU A 116 -15.44 4.30 2.27
N ASP A 117 -14.43 4.50 1.44
CA ASP A 117 -13.10 3.91 1.72
C ASP A 117 -12.54 4.40 3.03
N ALA A 118 -11.99 3.49 3.82
CA ALA A 118 -11.04 3.90 4.84
C ALA A 118 -9.70 4.15 4.12
N GLY A 119 -9.43 5.41 3.78
CA GLY A 119 -8.21 5.81 3.07
C GLY A 119 -7.10 6.30 4.00
N LEU A 120 -6.73 5.46 4.96
CA LEU A 120 -5.72 5.79 5.94
C LEU A 120 -4.31 5.43 5.45
N GLY A 121 -4.07 5.60 4.17
CA GLY A 121 -2.76 5.38 3.60
C GLY A 121 -2.63 6.09 2.27
N ASN A 122 -1.40 6.14 1.78
CA ASN A 122 -1.07 6.83 0.53
C ASN A 122 -1.08 5.89 -0.69
N GLY A 123 -0.56 4.68 -0.51
CA GLY A 123 -0.29 3.79 -1.64
C GLY A 123 0.19 2.45 -1.20
N GLY A 124 1.33 2.03 -1.75
CA GLY A 124 1.78 0.64 -1.64
C GLY A 124 2.09 0.17 -0.24
N LEU A 125 2.78 1.01 0.52
CA LEU A 125 3.13 0.68 1.90
C LEU A 125 1.88 0.51 2.77
N GLY A 126 0.92 1.42 2.64
CA GLY A 126 -0.34 1.32 3.39
C GLY A 126 -1.23 0.15 2.99
N ARG A 127 -1.28 -0.15 1.70
CA ARG A 127 -2.09 -1.26 1.23
C ARG A 127 -1.43 -2.60 1.60
N LEU A 128 -0.11 -2.64 1.62
CA LEU A 128 0.59 -3.82 2.05
C LEU A 128 0.25 -4.19 3.48
N ALA A 129 0.20 -3.20 4.36
CA ALA A 129 -0.21 -3.43 5.72
C ALA A 129 -1.64 -4.01 5.80
N ALA A 130 -2.52 -3.55 4.94
CA ALA A 130 -3.91 -4.03 4.94
C ALA A 130 -4.03 -5.50 4.45
N CYS A 131 -3.31 -5.83 3.38
CA CYS A 131 -3.20 -7.21 2.88
C CYS A 131 -2.63 -8.12 3.93
N PHE A 132 -1.60 -7.65 4.63
CA PHE A 132 -0.95 -8.41 5.68
C PHE A 132 -1.86 -8.75 6.86
N LEU A 133 -2.64 -7.79 7.34
CA LEU A 133 -3.61 -8.08 8.42
C LEU A 133 -4.55 -9.24 8.03
N ASP A 134 -5.03 -9.21 6.79
CA ASP A 134 -5.93 -10.23 6.25
C ASP A 134 -5.25 -11.61 6.23
N SER A 135 -4.00 -11.64 5.75
CA SER A 135 -3.25 -12.89 5.71
C SER A 135 -2.95 -13.37 7.09
N MET A 136 -2.60 -12.45 8.01
CA MET A 136 -2.27 -12.88 9.37
C MET A 136 -3.47 -13.55 10.09
N ALA A 137 -4.66 -13.00 9.92
CA ALA A 137 -5.89 -13.58 10.46
C ALA A 137 -6.19 -14.95 9.80
N THR A 138 -6.12 -14.97 8.47
CA THR A 138 -6.33 -16.19 7.69
C THR A 138 -5.34 -17.30 8.11
N LEU A 139 -4.15 -16.93 8.58
CA LEU A 139 -3.16 -17.93 8.96
C LEU A 139 -3.14 -18.16 10.46
N GLY A 140 -4.18 -17.71 11.17
CA GLY A 140 -4.30 -17.98 12.60
C GLY A 140 -3.23 -17.44 13.52
N LEU A 141 -2.57 -16.34 13.14
CA LEU A 141 -1.57 -15.73 14.01
C LEU A 141 -2.19 -14.74 14.99
N ALA A 142 -1.63 -14.68 16.19
CA ALA A 142 -2.09 -13.74 17.21
C ALA A 142 -1.50 -12.35 16.95
N ALA A 143 -2.10 -11.65 15.98
CA ALA A 143 -1.54 -10.44 15.42
C ALA A 143 -2.43 -9.22 15.65
N TYR A 144 -1.80 -8.09 15.92
CA TYR A 144 -2.50 -6.80 16.09
C TYR A 144 -1.85 -5.79 15.19
N GLY A 145 -2.65 -5.07 14.42
CA GLY A 145 -2.16 -3.90 13.72
C GLY A 145 -2.37 -2.66 14.59
N TYR A 146 -1.33 -1.85 14.73
CA TYR A 146 -1.40 -0.59 15.48
C TYR A 146 -1.06 0.59 14.59
N GLY A 147 -1.87 1.63 14.68
CA GLY A 147 -1.68 2.86 13.94
C GLY A 147 -2.48 4.02 14.55
N ILE A 148 -2.73 5.00 13.69
CA ILE A 148 -3.41 6.24 14.07
C ILE A 148 -4.75 6.30 13.36
N ARG A 149 -5.79 6.65 14.11
CA ARG A 149 -7.13 6.88 13.54
C ARG A 149 -7.17 8.30 13.02
N TYR A 150 -6.76 8.51 11.79
CA TYR A 150 -6.78 9.86 11.25
C TYR A 150 -8.23 10.25 11.03
N GLU A 151 -8.54 11.49 11.36
CA GLU A 151 -9.85 12.03 11.11
C GLU A 151 -10.06 12.29 9.61
N PHE A 152 -9.00 12.73 8.93
CA PHE A 152 -9.00 12.92 7.49
C PHE A 152 -7.92 12.02 6.88
N GLY A 153 -8.35 11.14 5.98
CA GLY A 153 -7.46 10.24 5.27
C GLY A 153 -6.86 10.93 4.06
N ILE A 154 -6.40 10.14 3.09
CA ILE A 154 -5.83 10.71 1.88
C ILE A 154 -6.93 11.58 1.20
N PHE A 155 -6.54 12.74 0.72
CA PHE A 155 -7.50 13.65 0.07
C PHE A 155 -8.22 13.03 -1.14
N ASN A 156 -9.45 13.50 -1.35
CA ASN A 156 -10.15 13.26 -2.57
C ASN A 156 -9.59 14.15 -3.66
N GLN A 157 -9.34 13.57 -4.82
CA GLN A 157 -8.77 14.30 -5.95
C GLN A 157 -9.89 14.68 -6.92
N LYS A 158 -9.98 15.98 -7.21
CA LYS A 158 -10.83 16.51 -8.26
C LYS A 158 -9.89 17.03 -9.32
N ILE A 159 -10.27 16.87 -10.58
CA ILE A 159 -9.54 17.48 -11.68
C ILE A 159 -10.35 18.69 -12.18
N CYS A 160 -9.76 19.89 -12.10
CA CYS A 160 -10.40 21.14 -12.51
C CYS A 160 -9.52 21.78 -13.56
N GLY A 161 -10.03 21.85 -14.79
CA GLY A 161 -9.27 22.35 -15.93
C GLY A 161 -7.98 21.59 -16.16
N GLY A 162 -8.02 20.27 -15.94
CA GLY A 162 -6.84 19.43 -16.10
C GLY A 162 -5.87 19.43 -14.94
N TRP A 163 -6.16 20.20 -13.88
CA TRP A 163 -5.29 20.27 -12.69
C TRP A 163 -5.89 19.49 -11.51
N GLN A 164 -5.02 18.85 -10.73
CA GLN A 164 -5.45 18.21 -9.47
C GLN A 164 -5.86 19.28 -8.48
N MET A 165 -7.02 19.09 -7.85
CA MET A 165 -7.42 19.87 -6.70
C MET A 165 -7.60 18.89 -5.54
N GLU A 166 -7.15 19.27 -4.35
CA GLU A 166 -7.31 18.41 -3.18
C GLU A 166 -8.53 18.82 -2.40
N GLU A 167 -9.30 17.84 -1.94
CA GLU A 167 -10.30 18.15 -0.96
C GLU A 167 -10.37 17.13 0.14
N ALA A 168 -10.70 17.64 1.32
CA ALA A 168 -10.61 16.87 2.54
C ALA A 168 -11.51 15.67 2.45
N ASP A 169 -11.02 14.55 2.96
CA ASP A 169 -11.71 13.26 2.93
C ASP A 169 -12.29 13.08 4.32
N ASP A 170 -13.52 13.57 4.48
CA ASP A 170 -14.21 13.57 5.76
C ASP A 170 -14.93 12.23 5.95
N TRP A 171 -14.15 11.16 6.06
CA TRP A 171 -14.67 9.79 5.92
C TRP A 171 -15.53 9.33 7.08
N LEU A 172 -15.43 10.01 8.23
CA LEU A 172 -16.18 9.66 9.44
C LEU A 172 -17.51 10.43 9.58
N ARG A 173 -17.82 11.25 8.59
CA ARG A 173 -18.96 12.16 8.67
C ARG A 173 -20.27 11.45 9.06
N TYR A 174 -20.55 10.30 8.44
CA TYR A 174 -21.79 9.55 8.68
C TYR A 174 -21.62 8.46 9.73
N GLY A 175 -20.46 8.42 10.37
CA GLY A 175 -20.14 7.36 11.32
C GLY A 175 -19.42 6.18 10.69
N ASN A 176 -18.75 5.39 11.52
CA ASN A 176 -18.05 4.18 11.10
C ASN A 176 -18.58 3.00 11.94
N PRO A 177 -19.36 2.11 11.33
CA PRO A 177 -19.96 1.02 12.09
C PRO A 177 -19.00 -0.10 12.44
N TRP A 178 -17.80 -0.11 11.84
CA TRP A 178 -16.87 -1.20 12.04
C TRP A 178 -16.02 -1.01 13.30
N GLU A 179 -15.84 0.24 13.74
CA GLU A 179 -14.97 0.51 14.87
C GLU A 179 -15.70 0.46 16.20
N LYS A 180 -14.97 0.16 17.26
CA LYS A 180 -15.48 0.28 18.61
C LYS A 180 -14.51 1.11 19.45
N ALA A 181 -14.97 2.28 19.92
CA ALA A 181 -14.16 3.12 20.80
C ALA A 181 -13.94 2.40 22.09
N ARG A 182 -12.74 2.50 22.63
CA ARG A 182 -12.44 1.87 23.90
C ARG A 182 -11.85 2.93 24.86
N PRO A 183 -12.66 3.93 25.26
CA PRO A 183 -12.15 5.06 26.08
C PRO A 183 -11.57 4.65 27.43
N GLU A 184 -12.04 3.53 27.94
CA GLU A 184 -11.48 2.89 29.13
C GLU A 184 -10.05 2.40 29.01
N PHE A 185 -9.47 2.39 27.82
CA PHE A 185 -8.08 1.95 27.66
C PHE A 185 -7.17 3.12 27.26
N THR A 186 -7.63 4.34 27.54
CA THR A 186 -6.89 5.53 27.22
C THR A 186 -5.59 5.59 28.01
N LEU A 187 -4.55 6.07 27.35
CA LEU A 187 -3.19 6.02 27.85
C LEU A 187 -2.56 7.39 27.66
N PRO A 188 -1.67 7.81 28.55
CA PRO A 188 -0.94 9.07 28.40
C PRO A 188 0.32 8.96 27.55
N VAL A 189 0.59 9.99 26.76
CA VAL A 189 1.81 10.14 25.98
C VAL A 189 2.45 11.48 26.34
N HIS A 190 3.77 11.50 26.52
CA HIS A 190 4.50 12.71 26.94
C HIS A 190 5.32 13.31 25.84
N PHE A 191 5.39 14.64 25.86
CA PHE A 191 6.19 15.44 24.94
C PHE A 191 6.88 16.59 25.72
N TYR A 192 7.98 17.08 25.15
CA TYR A 192 8.76 18.21 25.68
C TYR A 192 9.40 17.86 27.04
N GLY A 193 9.36 18.77 28.01
CA GLY A 193 9.95 18.52 29.33
C GLY A 193 11.47 18.57 29.26
N ARG A 194 12.11 17.88 30.20
CA ARG A 194 13.59 17.89 30.28
C ARG A 194 14.00 16.72 31.12
N VAL A 195 15.29 16.40 31.09
CA VAL A 195 15.80 15.24 31.79
C VAL A 195 16.50 15.68 33.08
N GLU A 196 16.12 15.07 34.21
CA GLU A 196 16.82 15.22 35.48
C GLU A 196 17.56 13.94 35.78
N HIS A 197 18.80 14.07 36.24
CA HIS A 197 19.58 12.92 36.71
C HIS A 197 19.57 12.87 38.22
N THR A 198 19.60 11.65 38.76
CA THR A 198 19.51 11.47 40.20
C THR A 198 20.41 10.31 40.57
N SER A 199 20.38 9.94 41.84
CA SER A 199 21.01 8.71 42.31
C SER A 199 20.32 7.52 41.66
N GLN A 200 18.99 7.61 41.57
CA GLN A 200 18.16 6.54 41.06
C GLN A 200 17.94 6.63 39.53
N GLY A 201 18.96 7.02 38.76
CA GLY A 201 18.85 7.13 37.30
C GLY A 201 18.14 8.38 36.78
N ALA A 202 17.90 8.41 35.47
CA ALA A 202 17.30 9.57 34.79
C ALA A 202 15.77 9.62 34.98
N LYS A 203 15.22 10.82 34.92
CA LYS A 203 13.76 11.03 35.00
C LYS A 203 13.41 12.08 33.99
N TRP A 204 12.34 11.84 33.23
CA TRP A 204 11.86 12.78 32.22
C TRP A 204 10.70 13.55 32.86
N VAL A 205 10.83 14.88 33.02
CA VAL A 205 9.93 15.68 33.86
C VAL A 205 9.46 16.95 33.14
N ASP A 206 8.47 17.62 33.73
CA ASP A 206 7.83 18.83 33.18
C ASP A 206 7.32 18.61 31.78
N THR A 207 6.69 17.48 31.55
CA THR A 207 6.23 17.15 30.20
C THR A 207 4.81 17.64 29.98
N GLN A 208 4.47 17.90 28.73
CA GLN A 208 3.08 18.03 28.31
C GLN A 208 2.49 16.66 27.99
N VAL A 209 1.25 16.46 28.40
CA VAL A 209 0.56 15.18 28.29
C VAL A 209 -0.55 15.26 27.24
N VAL A 210 -0.51 14.34 26.28
CA VAL A 210 -1.65 14.08 25.36
C VAL A 210 -2.19 12.65 25.60
N LEU A 211 -3.52 12.49 25.63
CA LEU A 211 -4.11 11.17 25.84
C LEU A 211 -4.24 10.43 24.50
N ALA A 212 -4.02 9.14 24.54
CA ALA A 212 -4.24 8.29 23.36
C ALA A 212 -5.43 7.40 23.64
N MET A 213 -6.51 7.59 22.88
CA MET A 213 -7.71 6.80 23.05
C MET A 213 -7.81 5.76 21.91
N PRO A 214 -7.94 4.46 22.24
CA PRO A 214 -8.00 3.45 21.18
C PRO A 214 -9.40 3.18 20.61
N TYR A 215 -9.41 2.90 19.31
CA TYR A 215 -10.57 2.41 18.58
C TYR A 215 -10.17 1.09 17.92
N ASP A 216 -10.91 0.03 18.24
CA ASP A 216 -10.66 -1.31 17.72
C ASP A 216 -11.56 -1.64 16.53
N THR A 217 -10.93 -2.18 15.49
CA THR A 217 -11.65 -2.64 14.30
C THR A 217 -11.35 -4.12 14.13
N PRO A 218 -12.38 -4.92 13.84
CA PRO A 218 -12.18 -6.37 13.66
C PRO A 218 -11.56 -6.74 12.31
N VAL A 219 -10.72 -7.77 12.32
CA VAL A 219 -10.07 -8.28 11.11
C VAL A 219 -10.32 -9.78 10.96
N PRO A 220 -11.31 -10.13 10.16
CA PRO A 220 -11.71 -11.54 9.98
C PRO A 220 -10.77 -12.33 9.05
N GLY A 221 -10.32 -13.49 9.47
CA GLY A 221 -9.65 -14.44 8.57
C GLY A 221 -10.64 -15.08 7.62
N TYR A 222 -10.13 -15.74 6.58
CA TYR A 222 -10.99 -16.39 5.60
C TYR A 222 -11.54 -17.74 6.11
N ARG A 223 -12.83 -17.74 6.43
CA ARG A 223 -13.60 -18.93 6.84
C ARG A 223 -12.93 -19.79 7.89
N ASN A 224 -12.21 -19.15 8.78
CA ASN A 224 -11.64 -19.87 9.89
C ASN A 224 -12.13 -19.40 11.26
N ASN A 225 -13.12 -18.51 11.29
CA ASN A 225 -13.63 -17.93 12.54
C ASN A 225 -12.59 -17.26 13.45
N VAL A 226 -11.45 -16.87 12.90
CA VAL A 226 -10.49 -16.04 13.62
C VAL A 226 -10.84 -14.58 13.30
N VAL A 227 -10.86 -13.75 14.35
CA VAL A 227 -11.07 -12.31 14.17
C VAL A 227 -10.06 -11.58 15.03
N ASN A 228 -9.12 -10.94 14.35
CA ASN A 228 -8.03 -10.23 14.99
C ASN A 228 -8.44 -8.79 15.13
N THR A 229 -7.57 -7.97 15.71
CA THR A 229 -7.88 -6.57 16.00
C THR A 229 -6.92 -5.63 15.32
N MET A 230 -7.44 -4.56 14.75
CA MET A 230 -6.64 -3.40 14.36
C MET A 230 -6.98 -2.29 15.36
N ARG A 231 -6.00 -1.87 16.13
CA ARG A 231 -6.18 -0.80 17.12
C ARG A 231 -5.54 0.51 16.65
N LEU A 232 -6.38 1.52 16.44
CA LEU A 232 -5.98 2.83 15.96
C LEU A 232 -6.20 3.90 17.06
N TRP A 233 -5.17 4.69 17.30
CA TRP A 233 -5.15 5.63 18.41
C TRP A 233 -5.67 6.97 17.95
N SER A 234 -6.52 7.57 18.78
CA SER A 234 -6.95 8.96 18.62
C SER A 234 -6.42 9.86 19.73
N ALA A 235 -6.05 11.08 19.37
CA ALA A 235 -5.48 12.05 20.31
C ALA A 235 -6.56 12.87 21.03
N LYS A 236 -6.49 12.95 22.37
CA LYS A 236 -7.44 13.70 23.20
C LYS A 236 -6.69 14.57 24.21
N ALA A 237 -7.19 15.75 24.50
CA ALA A 237 -6.56 16.60 25.52
C ALA A 237 -6.94 16.11 26.93
N PRO A 238 -6.01 16.21 27.88
CA PRO A 238 -6.38 15.99 29.30
C PRO A 238 -7.38 17.06 29.78
N ASN A 239 -8.16 16.78 30.83
CA ASN A 239 -9.28 17.70 31.23
C ASN A 239 -8.93 18.94 32.05
N ASP A 240 -7.76 18.91 32.66
CA ASP A 240 -7.17 20.11 33.23
C ASP A 240 -6.38 20.79 32.12
N GLY A 250 -8.56 33.53 28.85
CA GLY A 250 -9.37 33.03 29.95
C GLY A 250 -9.88 31.61 29.74
N TYR A 251 -10.98 31.29 30.42
CA TYR A 251 -11.54 29.94 30.46
C TYR A 251 -11.93 29.47 29.06
N ILE A 252 -12.61 30.34 28.30
CA ILE A 252 -13.05 30.02 26.94
C ILE A 252 -11.89 29.57 26.06
N GLN A 253 -10.82 30.38 26.01
CA GLN A 253 -9.65 30.12 25.16
C GLN A 253 -8.94 28.83 25.54
N ALA A 254 -8.83 28.57 26.84
CA ALA A 254 -8.20 27.34 27.31
C ALA A 254 -8.96 26.10 26.80
N VAL A 255 -10.29 26.19 26.77
CA VAL A 255 -11.10 25.12 26.22
C VAL A 255 -10.91 25.00 24.70
N LEU A 256 -10.83 26.12 23.99
CA LEU A 256 -10.62 26.07 22.54
C LEU A 256 -9.21 25.60 22.16
N ASP A 257 -8.22 25.81 23.04
CA ASP A 257 -6.83 25.39 22.77
C ASP A 257 -6.60 23.89 22.92
N ARG A 258 -7.61 23.17 23.39
CA ARG A 258 -7.56 21.72 23.39
C ARG A 258 -7.33 21.12 21.98
N ASN A 259 -7.82 21.81 20.95
CA ASN A 259 -7.59 21.46 19.55
C ASN A 259 -6.11 21.25 19.16
N LEU A 260 -5.21 21.94 19.83
CA LEU A 260 -3.78 21.81 19.53
C LEU A 260 -3.24 20.40 19.82
N ALA A 261 -3.63 19.82 20.96
CA ALA A 261 -3.27 18.44 21.29
C ALA A 261 -3.89 17.48 20.28
N GLU A 262 -5.15 17.72 19.96
CA GLU A 262 -5.96 16.80 19.17
C GLU A 262 -5.59 16.83 17.70
N ASN A 263 -4.87 17.85 17.28
CA ASN A 263 -4.38 17.93 15.92
C ASN A 263 -3.42 16.81 15.55
N ILE A 264 -2.87 16.12 16.54
CA ILE A 264 -1.91 15.03 16.26
C ILE A 264 -2.51 13.96 15.36
N SER A 265 -3.75 13.56 15.62
CA SER A 265 -4.44 12.52 14.87
C SER A 265 -5.40 13.05 13.83
N ARG A 266 -5.23 14.30 13.40
CA ARG A 266 -6.25 14.92 12.56
C ARG A 266 -6.18 14.49 11.12
N VAL A 267 -4.96 14.43 10.59
CA VAL A 267 -4.78 14.29 9.16
C VAL A 267 -3.55 13.43 8.75
N LEU A 268 -3.81 12.51 7.82
CA LEU A 268 -2.76 11.73 7.16
C LEU A 268 -1.88 12.64 6.33
N TYR A 269 -0.61 12.53 6.60
CA TYR A 269 0.42 13.22 5.85
C TYR A 269 0.54 12.63 4.42
N PRO A 270 0.25 13.44 3.40
CA PRO A 270 0.11 12.88 2.05
C PRO A 270 1.39 12.90 1.20
N ASN A 271 2.52 13.08 1.84
CA ASN A 271 3.79 13.24 1.13
C ASN A 271 4.45 11.88 1.06
N ASP A 272 4.59 11.32 -0.14
CA ASP A 272 5.21 10.01 -0.31
C ASP A 272 6.47 10.07 -1.18
N ASN A 273 7.07 11.25 -1.35
CA ASN A 273 8.28 11.38 -2.17
C ASN A 273 9.48 12.05 -1.51
N PHE A 274 9.25 13.02 -0.63
CA PHE A 274 10.33 13.85 -0.15
C PHE A 274 10.26 14.00 1.36
N PHE A 275 11.29 13.58 2.07
CA PHE A 275 11.30 13.77 3.53
C PHE A 275 11.29 15.26 3.94
N GLU A 276 10.37 15.62 4.82
CA GLU A 276 10.35 16.96 5.44
C GLU A 276 10.38 16.83 6.95
N GLY A 277 11.25 17.57 7.61
CA GLY A 277 11.32 17.54 9.07
C GLY A 277 10.25 18.40 9.73
N LYS A 278 9.01 17.94 9.70
CA LYS A 278 7.93 18.71 10.28
C LYS A 278 7.61 18.18 11.67
N GLU A 279 7.50 19.09 12.63
CA GLU A 279 7.28 18.71 14.03
C GLU A 279 6.01 17.88 14.22
N LEU A 280 4.93 18.29 13.57
CA LEU A 280 3.66 17.61 13.69
C LEU A 280 3.76 16.12 13.24
N ARG A 281 4.55 15.86 12.20
CA ARG A 281 4.80 14.48 11.75
C ARG A 281 5.56 13.67 12.79
N LEU A 282 6.61 14.27 13.37
CA LEU A 282 7.37 13.64 14.42
C LEU A 282 6.51 13.33 15.62
N LYS A 283 5.63 14.25 16.00
CA LYS A 283 4.64 13.98 17.05
C LYS A 283 3.76 12.80 16.72
N GLN A 284 3.34 12.67 15.47
CA GLN A 284 2.50 11.52 15.08
C GLN A 284 3.26 10.22 15.27
N GLU A 285 4.50 10.22 14.81
CA GLU A 285 5.36 9.05 14.95
C GLU A 285 5.54 8.66 16.40
N TYR A 286 5.82 9.64 17.28
CA TYR A 286 6.07 9.27 18.67
C TYR A 286 4.77 8.81 19.34
N PHE A 287 3.70 9.51 19.03
CA PHE A 287 2.37 9.20 19.59
C PHE A 287 1.98 7.75 19.37
N VAL A 288 2.09 7.26 18.14
CA VAL A 288 1.64 5.88 17.88
C VAL A 288 2.55 4.89 18.60
N VAL A 289 3.84 5.20 18.61
CA VAL A 289 4.84 4.37 19.26
C VAL A 289 4.68 4.28 20.77
N ALA A 290 4.46 5.43 21.41
CA ALA A 290 4.42 5.48 22.87
C ALA A 290 3.19 4.79 23.41
N ALA A 291 2.03 5.07 22.81
CA ALA A 291 0.80 4.42 23.26
C ALA A 291 0.81 2.90 23.00
N THR A 292 1.32 2.50 21.84
CA THR A 292 1.37 1.08 21.47
C THR A 292 2.27 0.27 22.42
N LEU A 293 3.45 0.79 22.70
CA LEU A 293 4.38 0.09 23.58
C LEU A 293 3.82 -0.09 24.99
N GLN A 294 3.14 0.92 25.54
CA GLN A 294 2.52 0.76 26.87
C GLN A 294 1.46 -0.35 26.83
N ASP A 295 0.71 -0.36 25.75
CA ASP A 295 -0.34 -1.36 25.58
C ASP A 295 0.24 -2.76 25.49
N ILE A 296 1.36 -2.89 24.76
CA ILE A 296 2.07 -4.17 24.58
C ILE A 296 2.56 -4.69 25.93
N ILE A 297 3.16 -3.80 26.71
CA ILE A 297 3.74 -4.18 27.98
C ILE A 297 2.63 -4.58 28.99
N ARG A 298 1.57 -3.81 29.04
CA ARG A 298 0.44 -4.15 29.91
C ARG A 298 -0.06 -5.56 29.61
N ARG A 299 -0.27 -5.85 28.33
CA ARG A 299 -0.73 -7.15 27.89
C ARG A 299 0.25 -8.26 28.27
N PHE A 300 1.54 -7.98 28.16
CA PHE A 300 2.58 -8.95 28.57
C PHE A 300 2.58 -9.22 30.08
N LYS A 301 2.41 -8.18 30.89
CA LYS A 301 2.46 -8.34 32.34
C LYS A 301 1.24 -9.06 32.84
N SER A 302 0.09 -8.86 32.20
CA SER A 302 -1.14 -9.44 32.67
C SER A 302 -1.38 -10.81 32.02
N SER A 303 -0.45 -11.73 32.29
CA SER A 303 -0.62 -13.14 31.97
C SER A 303 -0.92 -13.89 33.26
N THR A 313 8.09 -8.34 36.17
CA THR A 313 9.44 -8.56 36.69
C THR A 313 10.37 -9.10 35.62
N ASN A 314 10.07 -10.30 35.11
CA ASN A 314 11.01 -10.99 34.22
C ASN A 314 10.81 -10.75 32.72
N PHE A 315 11.62 -9.83 32.21
CA PHE A 315 11.58 -9.42 30.81
C PHE A 315 12.46 -10.30 29.93
N ASP A 316 13.14 -11.29 30.51
CA ASP A 316 13.93 -12.25 29.73
C ASP A 316 13.06 -12.97 28.71
N ALA A 317 11.80 -13.23 29.06
CA ALA A 317 10.86 -13.91 28.19
C ALA A 317 10.07 -12.97 27.24
N PHE A 318 10.31 -11.67 27.33
CA PHE A 318 9.62 -10.69 26.49
C PHE A 318 9.76 -10.98 25.00
N PRO A 319 11.00 -11.25 24.51
CA PRO A 319 11.16 -11.62 23.11
C PRO A 319 10.53 -12.93 22.72
N ASP A 320 10.28 -13.83 23.66
CA ASP A 320 9.54 -15.07 23.36
C ASP A 320 8.04 -14.91 23.30
N LYS A 321 7.54 -13.79 23.80
CA LYS A 321 6.10 -13.51 23.83
C LYS A 321 5.67 -12.34 22.91
N VAL A 322 6.64 -11.59 22.40
CA VAL A 322 6.40 -10.36 21.62
C VAL A 322 7.35 -10.23 20.43
N ALA A 323 6.76 -9.98 19.26
CA ALA A 323 7.46 -9.49 18.08
C ALA A 323 6.87 -8.15 17.68
N ILE A 324 7.74 -7.19 17.39
CA ILE A 324 7.34 -5.88 16.85
C ILE A 324 7.93 -5.67 15.47
N GLN A 325 7.07 -5.57 14.46
CA GLN A 325 7.51 -5.29 13.10
C GLN A 325 7.35 -3.81 12.74
N LEU A 326 8.44 -3.19 12.29
CA LEU A 326 8.45 -1.77 11.99
C LEU A 326 8.28 -1.63 10.50
N ASN A 327 7.18 -1.01 10.12
CA ASN A 327 6.85 -0.80 8.73
C ASN A 327 7.51 0.51 8.26
N ASP A 328 8.72 0.35 7.72
CA ASP A 328 9.64 1.40 7.36
C ASP A 328 10.17 2.04 8.65
N THR A 329 10.78 3.21 8.56
CA THR A 329 11.38 3.85 9.75
C THR A 329 10.36 4.72 10.49
N HIS A 330 9.14 4.78 9.97
CA HIS A 330 8.19 5.75 10.50
C HIS A 330 7.91 5.52 12.00
N PRO A 331 7.88 4.26 12.45
CA PRO A 331 7.81 3.98 13.87
C PRO A 331 9.12 3.57 14.52
N SER A 332 10.24 4.07 13.98
CA SER A 332 11.58 3.72 14.47
C SER A 332 11.83 4.13 15.92
N LEU A 333 11.07 5.09 16.42
CA LEU A 333 11.24 5.50 17.82
C LEU A 333 10.80 4.44 18.79
N ALA A 334 10.13 3.38 18.33
CA ALA A 334 9.93 2.19 19.19
C ALA A 334 11.21 1.69 19.81
N ILE A 335 12.32 1.77 19.06
CA ILE A 335 13.61 1.28 19.61
C ILE A 335 14.05 2.04 20.87
N PRO A 336 14.28 3.37 20.78
CA PRO A 336 14.65 4.09 21.99
C PRO A 336 13.55 4.19 23.07
N GLU A 337 12.29 4.08 22.68
CA GLU A 337 11.18 4.08 23.64
C GLU A 337 11.18 2.78 24.44
N LEU A 338 11.35 1.64 23.77
CA LEU A 338 11.46 0.39 24.53
C LEU A 338 12.65 0.46 25.49
N MET A 339 13.78 0.98 25.04
CA MET A 339 14.92 1.15 25.95
C MET A 339 14.58 2.08 27.13
N ARG A 340 13.94 3.21 26.85
CA ARG A 340 13.57 4.16 27.89
C ARG A 340 12.72 3.49 28.97
N VAL A 341 11.68 2.77 28.54
CA VAL A 341 10.81 2.07 29.46
C VAL A 341 11.60 1.02 30.26
N LEU A 342 12.39 0.18 29.58
CA LEU A 342 13.12 -0.88 30.28
C LEU A 342 14.17 -0.32 31.25
N VAL A 343 14.89 0.72 30.86
CA VAL A 343 15.98 1.26 31.68
C VAL A 343 15.47 2.23 32.76
N ASP A 344 14.73 3.25 32.36
CA ASP A 344 14.28 4.31 33.27
C ASP A 344 13.15 3.88 34.19
N LEU A 345 12.23 3.04 33.72
CA LEU A 345 11.03 2.74 34.49
C LEU A 345 11.09 1.36 35.14
N GLU A 346 11.59 0.36 34.43
CA GLU A 346 11.68 -0.99 34.99
C GLU A 346 13.06 -1.29 35.58
N ARG A 347 14.02 -0.40 35.38
CA ARG A 347 15.34 -0.48 36.01
C ARG A 347 16.18 -1.69 35.58
N LEU A 348 15.98 -2.19 34.37
CA LEU A 348 16.91 -3.17 33.82
C LEU A 348 18.20 -2.46 33.50
N ASP A 349 19.31 -3.17 33.54
CA ASP A 349 20.58 -2.58 33.14
C ASP A 349 20.60 -2.47 31.61
N TRP A 350 21.39 -1.52 31.13
CA TRP A 350 21.44 -1.21 29.72
C TRP A 350 21.58 -2.44 28.83
N ASP A 351 22.59 -3.27 29.11
CA ASP A 351 22.93 -4.39 28.23
C ASP A 351 21.81 -5.41 28.09
N LYS A 352 21.15 -5.70 29.20
CA LYS A 352 20.03 -6.62 29.20
C LYS A 352 18.83 -6.06 28.42
N ALA A 353 18.53 -4.78 28.65
CA ALA A 353 17.48 -4.08 27.94
C ALA A 353 17.73 -4.09 26.43
N TRP A 354 18.97 -3.79 26.03
CA TRP A 354 19.36 -3.78 24.62
C TRP A 354 19.16 -5.15 23.96
N GLU A 355 19.54 -6.22 24.67
CA GLU A 355 19.34 -7.57 24.16
C GLU A 355 17.87 -7.89 23.95
N VAL A 356 17.03 -7.49 24.90
CA VAL A 356 15.59 -7.66 24.74
C VAL A 356 15.06 -6.86 23.54
N THR A 357 15.52 -5.63 23.40
CA THR A 357 15.06 -4.76 22.30
C THR A 357 15.38 -5.34 20.92
N VAL A 358 16.64 -5.68 20.71
CA VAL A 358 17.10 -6.25 19.45
C VAL A 358 16.33 -7.53 19.10
N LYS A 359 16.14 -8.43 20.06
CA LYS A 359 15.40 -9.67 19.81
C LYS A 359 13.90 -9.48 19.57
N THR A 360 13.37 -8.35 20.01
CA THR A 360 11.96 -8.04 19.84
C THR A 360 11.66 -7.36 18.49
N CYS A 361 12.58 -6.51 18.01
CA CYS A 361 12.29 -5.64 16.86
C CYS A 361 12.84 -6.12 15.53
N ALA A 362 12.09 -5.84 14.48
CA ALA A 362 12.50 -6.13 13.12
C ALA A 362 12.00 -5.01 12.22
N TYR A 363 12.75 -4.76 11.14
CA TYR A 363 12.57 -3.58 10.32
C TYR A 363 12.50 -3.95 8.86
N THR A 364 11.48 -3.44 8.18
CA THR A 364 11.30 -3.58 6.74
C THR A 364 11.52 -2.25 6.02
N ASN A 365 12.39 -2.29 5.01
CA ASN A 365 12.69 -1.15 4.17
C ASN A 365 11.89 -1.23 2.89
N HIS A 366 11.35 -0.10 2.48
CA HIS A 366 10.49 -0.02 1.34
C HIS A 366 10.96 0.98 0.29
N THR A 367 12.21 1.44 0.35
CA THR A 367 12.75 2.28 -0.74
C THR A 367 14.23 2.60 -0.60
N VAL A 368 14.87 2.80 -1.76
CA VAL A 368 16.27 3.23 -1.81
C VAL A 368 16.48 4.67 -2.24
N LEU A 369 15.44 5.38 -2.66
CA LEU A 369 15.67 6.78 -3.04
C LEU A 369 16.09 7.58 -1.81
N PRO A 370 17.24 8.25 -1.89
CA PRO A 370 17.83 8.93 -0.73
C PRO A 370 16.96 10.08 -0.17
N GLU A 371 16.22 10.77 -1.01
CA GLU A 371 15.35 11.83 -0.49
C GLU A 371 14.19 11.30 0.35
N ALA A 372 13.97 9.98 0.34
CA ALA A 372 12.87 9.36 1.05
C ALA A 372 13.26 8.92 2.46
N LEU A 373 14.56 8.80 2.75
CA LEU A 373 14.99 8.39 4.08
C LEU A 373 14.76 9.47 5.16
N GLU A 374 14.30 9.04 6.31
CA GLU A 374 14.02 9.95 7.40
C GLU A 374 15.32 10.28 8.12
N ARG A 375 15.65 11.57 8.15
CA ARG A 375 16.84 12.05 8.87
C ARG A 375 16.42 13.23 9.70
N TRP A 376 16.03 13.02 10.95
CA TRP A 376 15.48 14.10 11.71
C TRP A 376 16.58 15.03 12.26
N PRO A 377 16.38 16.35 12.12
CA PRO A 377 17.28 17.30 12.81
C PRO A 377 17.34 17.02 14.30
N VAL A 378 18.56 17.02 14.83
CA VAL A 378 18.78 16.90 16.25
C VAL A 378 17.99 17.93 17.08
N HIS A 379 17.93 19.18 16.63
CA HIS A 379 17.30 20.23 17.46
C HIS A 379 15.82 19.95 17.71
N LEU A 380 15.16 19.31 16.76
CA LEU A 380 13.76 18.90 16.97
C LEU A 380 13.65 17.83 18.05
N LEU A 381 14.47 16.79 17.97
CA LEU A 381 14.47 15.72 18.98
C LEU A 381 14.84 16.26 20.34
N GLU A 382 15.78 17.18 20.35
CA GLU A 382 16.27 17.78 21.57
C GLU A 382 15.11 18.42 22.34
N THR A 383 14.31 19.19 21.62
CA THR A 383 13.17 19.89 22.19
C THR A 383 12.01 18.97 22.52
N LEU A 384 11.65 18.10 21.58
CA LEU A 384 10.43 17.29 21.75
C LEU A 384 10.64 16.08 22.64
N LEU A 385 11.79 15.42 22.53
CA LEU A 385 12.04 14.08 23.10
C LEU A 385 13.47 14.02 23.62
N PRO A 386 13.76 14.89 24.61
CA PRO A 386 15.13 15.03 25.08
C PRO A 386 15.70 13.74 25.65
N ARG A 387 14.89 12.93 26.32
CA ARG A 387 15.39 11.66 26.82
C ARG A 387 15.76 10.67 25.69
N HIS A 388 14.95 10.66 24.63
CA HIS A 388 15.20 9.79 23.48
C HIS A 388 16.48 10.12 22.74
N LEU A 389 16.78 11.40 22.61
CA LEU A 389 18.06 11.82 21.99
C LEU A 389 19.26 11.26 22.79
N GLN A 390 19.17 11.32 24.13
CA GLN A 390 20.21 10.78 24.99
C GLN A 390 20.42 9.30 24.76
N ILE A 391 19.32 8.57 24.70
CA ILE A 391 19.39 7.14 24.48
C ILE A 391 19.96 6.84 23.09
N ILE A 392 19.61 7.67 22.11
CA ILE A 392 20.10 7.47 20.75
C ILE A 392 21.64 7.67 20.67
N TYR A 393 22.12 8.74 21.33
CA TYR A 393 23.59 8.99 21.39
C TYR A 393 24.35 7.80 22.01
N GLU A 394 23.79 7.26 23.09
CA GLU A 394 24.35 6.10 23.79
C GLU A 394 24.34 4.86 22.91
N ILE A 395 23.20 4.60 22.27
CA ILE A 395 23.13 3.51 21.28
C ILE A 395 24.25 3.69 20.25
N ASN A 396 24.36 4.91 19.73
CA ASN A 396 25.32 5.19 18.68
C ASN A 396 26.77 4.91 19.09
N GLN A 397 27.13 5.38 20.27
CA GLN A 397 28.46 5.18 20.79
C GLN A 397 28.82 3.69 21.02
N ARG A 398 27.91 2.92 21.59
CA ARG A 398 28.17 1.49 21.76
C ARG A 398 28.23 0.74 20.45
N PHE A 399 27.39 1.14 19.51
CA PHE A 399 27.43 0.56 18.15
C PHE A 399 28.76 0.84 17.43
N LEU A 400 29.19 2.09 17.44
CA LEU A 400 30.41 2.48 16.77
C LEU A 400 31.66 1.89 17.45
N ASN A 401 31.55 1.50 18.72
CA ASN A 401 32.66 0.76 19.38
C ASN A 401 32.76 -0.62 18.81
N ARG A 402 31.62 -1.24 18.49
CA ARG A 402 31.67 -2.55 17.86
C ARG A 402 32.25 -2.46 16.46
N VAL A 403 31.92 -1.39 15.73
CA VAL A 403 32.47 -1.20 14.36
C VAL A 403 34.01 -1.05 14.43
N ALA A 404 34.48 -0.17 15.31
CA ALA A 404 35.90 0.07 15.50
C ALA A 404 36.66 -1.21 15.81
N ALA A 405 36.07 -2.08 16.63
CA ALA A 405 36.72 -3.33 17.01
C ALA A 405 36.73 -4.37 15.88
N ALA A 406 35.73 -4.35 15.00
CA ALA A 406 35.67 -5.28 13.87
C ALA A 406 36.51 -4.79 12.66
N PHE A 407 36.62 -3.47 12.48
CA PHE A 407 37.34 -2.88 11.35
C PHE A 407 38.30 -1.81 11.87
N PRO A 408 39.35 -2.23 12.60
CA PRO A 408 40.24 -1.27 13.26
C PRO A 408 40.90 -0.32 12.26
N GLY A 409 40.90 0.96 12.57
CA GLY A 409 41.51 1.97 11.74
C GLY A 409 40.66 2.49 10.60
N ASP A 410 39.48 1.90 10.38
CA ASP A 410 38.63 2.32 9.28
C ASP A 410 37.75 3.48 9.72
N VAL A 411 38.34 4.66 9.74
CA VAL A 411 37.67 5.83 10.26
C VAL A 411 36.58 6.31 9.34
N ASP A 412 36.74 6.07 8.05
CA ASP A 412 35.71 6.43 7.09
C ASP A 412 34.42 5.63 7.29
N ARG A 413 34.58 4.33 7.58
CA ARG A 413 33.45 3.46 7.88
C ARG A 413 32.70 3.99 9.10
N LEU A 414 33.45 4.44 10.12
CA LEU A 414 32.85 4.93 11.34
C LEU A 414 31.93 6.09 11.04
N ARG A 415 32.38 7.03 10.22
CA ARG A 415 31.49 8.15 9.93
C ARG A 415 30.32 7.76 9.01
N ARG A 416 30.52 6.84 8.08
CA ARG A 416 29.44 6.39 7.21
C ARG A 416 28.34 5.63 8.00
N MET A 417 28.75 4.89 9.02
CA MET A 417 27.81 4.04 9.75
C MET A 417 27.15 4.72 10.94
N SER A 418 27.64 5.90 11.31
CA SER A 418 27.13 6.60 12.50
C SER A 418 25.61 6.83 12.38
N LEU A 419 24.89 6.78 13.49
CA LEU A 419 23.48 7.16 13.45
C LEU A 419 23.37 8.66 13.38
N VAL A 420 24.41 9.37 13.80
CA VAL A 420 24.42 10.82 13.76
C VAL A 420 25.14 11.25 12.52
N GLU A 421 24.48 12.06 11.70
CA GLU A 421 25.11 12.69 10.54
C GLU A 421 25.52 14.11 10.86
N GLU A 422 26.77 14.46 10.58
CA GLU A 422 27.24 15.83 10.76
C GLU A 422 27.02 16.68 9.51
N GLY A 423 27.10 17.99 9.68
CA GLY A 423 26.92 18.94 8.58
C GLY A 423 26.34 20.22 9.12
N ALA A 424 25.89 21.09 8.22
CA ALA A 424 25.20 22.33 8.59
C ALA A 424 24.26 22.09 9.79
N VAL A 425 23.28 21.21 9.59
CA VAL A 425 22.45 20.73 10.69
C VAL A 425 22.82 19.28 10.95
N LYS A 426 22.96 18.91 12.21
CA LYS A 426 23.11 17.51 12.58
C LYS A 426 21.74 16.81 12.50
N ARG A 427 21.77 15.56 12.05
CA ARG A 427 20.56 14.74 11.92
C ARG A 427 20.79 13.34 12.44
N ILE A 428 19.72 12.68 12.87
CA ILE A 428 19.71 11.25 13.13
C ILE A 428 19.20 10.50 11.88
N ASN A 429 19.96 9.51 11.43
CA ASN A 429 19.53 8.62 10.38
C ASN A 429 18.72 7.46 10.99
N MET A 430 17.41 7.48 10.73
CA MET A 430 16.50 6.54 11.36
C MET A 430 16.67 5.12 10.81
N ALA A 431 17.10 4.99 9.56
CA ALA A 431 17.39 3.69 8.99
C ALA A 431 18.57 3.02 9.71
N HIS A 432 19.62 3.80 10.02
CA HIS A 432 20.76 3.24 10.75
C HIS A 432 20.34 2.81 12.14
N LEU A 433 19.50 3.62 12.78
CA LEU A 433 18.91 3.26 14.09
C LEU A 433 18.18 1.92 14.04
N CYS A 434 17.35 1.74 13.01
CA CYS A 434 16.57 0.51 12.84
C CYS A 434 17.45 -0.71 12.62
N ILE A 435 18.50 -0.58 11.81
CA ILE A 435 19.38 -1.72 11.58
C ILE A 435 20.09 -2.10 12.87
N ALA A 436 20.65 -1.11 13.55
CA ALA A 436 21.33 -1.35 14.84
C ALA A 436 20.43 -2.01 15.90
N GLY A 437 19.18 -1.59 15.98
CA GLY A 437 18.30 -2.11 17.03
C GLY A 437 17.38 -3.26 16.67
N SER A 438 17.56 -3.87 15.51
CA SER A 438 16.71 -4.97 15.06
C SER A 438 17.53 -6.24 14.82
N HIS A 439 16.94 -7.40 15.13
CA HIS A 439 17.53 -8.70 14.77
C HIS A 439 17.32 -9.07 13.29
N ALA A 440 16.43 -8.39 12.58
CA ALA A 440 16.25 -8.70 11.15
C ALA A 440 15.89 -7.44 10.38
N VAL A 441 16.47 -7.33 9.18
CA VAL A 441 16.22 -6.25 8.26
C VAL A 441 15.87 -6.91 6.95
N ASN A 442 14.73 -6.55 6.36
CA ASN A 442 14.37 -7.08 5.06
C ASN A 442 13.95 -6.05 4.03
N GLY A 443 14.25 -6.36 2.78
CA GLY A 443 13.71 -5.70 1.62
C GLY A 443 12.52 -6.49 1.15
N VAL A 444 11.88 -6.02 0.11
CA VAL A 444 10.51 -6.42 -0.21
C VAL A 444 10.36 -7.07 -1.58
N ALA A 445 11.50 -7.29 -2.23
CA ALA A 445 11.61 -8.14 -3.41
C ALA A 445 13.08 -8.50 -3.57
N ARG A 446 13.36 -9.63 -4.23
CA ARG A 446 14.73 -10.18 -4.22
C ARG A 446 15.77 -9.18 -4.71
N ILE A 447 15.49 -8.51 -5.83
CA ILE A 447 16.46 -7.57 -6.38
C ILE A 447 16.66 -6.34 -5.47
N HIS A 448 15.60 -5.90 -4.79
CA HIS A 448 15.66 -4.81 -3.81
C HIS A 448 16.50 -5.23 -2.61
N SER A 449 16.30 -6.44 -2.12
CA SER A 449 17.07 -6.88 -0.97
C SER A 449 18.57 -7.01 -1.31
N GLU A 450 18.88 -7.41 -2.54
CA GLU A 450 20.28 -7.45 -3.02
C GLU A 450 20.85 -6.05 -3.15
N ILE A 451 20.09 -5.12 -3.70
CA ILE A 451 20.53 -3.73 -3.73
C ILE A 451 20.86 -3.17 -2.34
N LEU A 452 20.07 -3.54 -1.33
CA LEU A 452 20.32 -3.07 0.05
C LEU A 452 21.70 -3.52 0.52
N LYS A 453 22.04 -4.75 0.19
CA LYS A 453 23.27 -5.37 0.66
C LYS A 453 24.49 -4.86 -0.10
N LYS A 454 24.30 -4.49 -1.35
CA LYS A 454 25.39 -4.09 -2.22
C LYS A 454 25.64 -2.61 -2.23
N THR A 455 24.65 -1.78 -1.94
CA THR A 455 24.83 -0.33 -1.99
C THR A 455 24.52 0.36 -0.66
N ILE A 456 23.30 0.80 -0.41
CA ILE A 456 23.11 1.69 0.73
C ILE A 456 23.29 1.10 2.12
N PHE A 457 23.13 -0.20 2.33
CA PHE A 457 23.44 -0.78 3.65
C PHE A 457 24.63 -1.74 3.61
N LYS A 458 25.49 -1.60 2.60
CA LYS A 458 26.66 -2.48 2.46
C LYS A 458 27.50 -2.56 3.73
N ASP A 459 27.81 -1.43 4.35
CA ASP A 459 28.63 -1.43 5.57
C ASP A 459 28.02 -2.29 6.69
N PHE A 460 26.69 -2.26 6.79
CA PHE A 460 25.95 -2.92 7.84
C PHE A 460 25.87 -4.40 7.57
N TYR A 461 25.71 -4.74 6.29
CA TYR A 461 25.75 -6.13 5.86
C TYR A 461 27.12 -6.81 6.15
N GLU A 462 28.21 -6.10 5.90
CA GLU A 462 29.56 -6.61 6.21
C GLU A 462 29.74 -6.79 7.69
N LEU A 463 29.13 -5.92 8.50
CA LEU A 463 29.23 -6.08 9.95
C LEU A 463 28.35 -7.22 10.48
N GLU A 464 27.11 -7.34 10.01
CA GLU A 464 26.16 -8.33 10.55
C GLU A 464 25.34 -8.98 9.42
N PRO A 465 25.97 -9.87 8.65
CA PRO A 465 25.31 -10.38 7.46
C PRO A 465 24.07 -11.17 7.77
N HIS A 466 24.02 -11.77 8.95
CA HIS A 466 22.90 -12.62 9.35
C HIS A 466 21.58 -11.84 9.51
N LYS A 467 21.65 -10.54 9.77
CA LYS A 467 20.45 -9.69 9.88
C LYS A 467 19.65 -9.56 8.63
N PHE A 468 20.31 -9.60 7.48
CA PHE A 468 19.67 -9.23 6.23
C PHE A 468 18.92 -10.36 5.54
N GLN A 469 17.65 -10.09 5.23
CA GLN A 469 16.78 -11.07 4.59
C GLN A 469 16.01 -10.46 3.44
N ASN A 470 15.35 -11.31 2.67
CA ASN A 470 14.35 -10.90 1.67
C ASN A 470 12.98 -11.41 2.11
N LYS A 471 11.94 -10.62 1.88
CA LYS A 471 10.58 -11.11 1.95
C LYS A 471 9.81 -10.46 0.82
N THR A 472 9.64 -11.18 -0.28
CA THR A 472 8.96 -10.63 -1.44
C THR A 472 7.49 -10.40 -1.09
N ASN A 473 7.00 -9.23 -1.48
CA ASN A 473 5.66 -8.79 -1.17
C ASN A 473 4.62 -9.73 -1.80
N GLY A 474 3.39 -9.56 -1.38
CA GLY A 474 2.25 -10.23 -1.96
C GLY A 474 1.00 -9.40 -1.75
N ILE A 475 -0.11 -9.91 -2.29
CA ILE A 475 -1.44 -9.33 -2.17
C ILE A 475 -2.44 -10.40 -1.72
N THR A 476 -3.54 -9.99 -1.08
CA THR A 476 -4.49 -10.98 -0.61
C THR A 476 -5.41 -11.40 -1.74
N PRO A 477 -5.48 -12.71 -1.99
CA PRO A 477 -6.39 -13.15 -3.04
C PRO A 477 -7.87 -13.06 -2.68
N ARG A 478 -8.21 -12.78 -1.41
CA ARG A 478 -9.62 -12.54 -1.07
C ARG A 478 -10.12 -11.23 -1.69
N ARG A 479 -9.57 -10.09 -1.26
CA ARG A 479 -9.91 -8.81 -1.88
C ARG A 479 -9.58 -8.76 -3.38
N TRP A 480 -8.38 -9.22 -3.75
CA TRP A 480 -7.84 -9.00 -5.08
C TRP A 480 -8.17 -10.08 -6.13
N LEU A 481 -9.03 -11.03 -5.80
CA LEU A 481 -9.61 -11.94 -6.84
C LEU A 481 -11.09 -12.22 -6.58
N VAL A 482 -11.38 -12.84 -5.45
CA VAL A 482 -12.75 -13.27 -5.12
C VAL A 482 -13.70 -12.09 -5.01
N LEU A 483 -13.30 -11.09 -4.26
CA LEU A 483 -14.13 -9.94 -4.05
C LEU A 483 -14.29 -9.11 -5.30
N CYS A 484 -13.21 -8.79 -6.00
CA CYS A 484 -13.32 -7.85 -7.11
C CYS A 484 -13.57 -8.52 -8.46
N ASN A 485 -13.32 -9.81 -8.57
CA ASN A 485 -13.48 -10.51 -9.86
C ASN A 485 -14.17 -11.86 -9.64
N PRO A 486 -15.44 -11.80 -9.19
CA PRO A 486 -16.19 -13.05 -8.90
C PRO A 486 -16.31 -13.97 -10.13
N GLY A 487 -16.50 -13.41 -11.30
CA GLY A 487 -16.57 -14.20 -12.54
C GLY A 487 -15.37 -15.08 -12.75
N LEU A 488 -14.18 -14.48 -12.59
CA LEU A 488 -12.95 -15.21 -12.77
C LEU A 488 -12.80 -16.22 -11.68
N ALA A 489 -13.10 -15.85 -10.45
CA ALA A 489 -12.93 -16.80 -9.36
C ALA A 489 -13.79 -18.06 -9.62
N GLU A 490 -14.99 -17.84 -10.17
CA GLU A 490 -15.99 -18.89 -10.37
C GLU A 490 -15.57 -19.92 -11.43
N ILE A 491 -15.25 -19.45 -12.63
CA ILE A 491 -14.76 -20.35 -13.67
C ILE A 491 -13.47 -21.06 -13.26
N ILE A 492 -12.64 -20.45 -12.43
CA ILE A 492 -11.51 -21.20 -11.88
C ILE A 492 -11.98 -22.28 -10.94
N ALA A 493 -12.94 -21.95 -10.09
CA ALA A 493 -13.41 -22.91 -9.09
C ALA A 493 -14.10 -24.11 -9.78
N GLU A 494 -14.76 -23.86 -10.90
CA GLU A 494 -15.39 -24.96 -11.64
C GLU A 494 -14.40 -26.07 -11.96
N ARG A 495 -13.19 -25.69 -12.37
CA ARG A 495 -12.20 -26.67 -12.79
C ARG A 495 -11.46 -27.26 -11.61
N ILE A 496 -11.05 -26.43 -10.67
CA ILE A 496 -10.13 -26.89 -9.63
C ILE A 496 -10.65 -26.80 -8.20
N GLY A 497 -11.91 -26.43 -8.02
CA GLY A 497 -12.46 -26.31 -6.68
C GLY A 497 -12.08 -24.96 -6.05
N GLU A 498 -12.24 -24.88 -4.73
CA GLU A 498 -12.20 -23.63 -3.96
C GLU A 498 -11.00 -23.48 -3.06
N GLU A 499 -10.20 -24.54 -2.92
CA GLU A 499 -9.09 -24.56 -1.99
C GLU A 499 -8.01 -23.52 -2.31
N TYR A 500 -8.00 -23.04 -3.55
CA TYR A 500 -6.93 -22.17 -4.01
C TYR A 500 -6.96 -20.81 -3.28
N ILE A 501 -8.15 -20.42 -2.84
CA ILE A 501 -8.39 -19.13 -2.21
C ILE A 501 -7.55 -18.92 -0.96
N SER A 502 -7.22 -19.99 -0.23
CA SER A 502 -6.25 -19.86 0.87
C SER A 502 -5.00 -20.72 0.63
N ASP A 503 -4.80 -21.11 -0.62
CA ASP A 503 -3.60 -21.84 -1.03
C ASP A 503 -3.37 -21.54 -2.50
N LEU A 504 -2.93 -20.32 -2.80
CA LEU A 504 -2.93 -19.82 -4.17
C LEU A 504 -1.98 -20.56 -5.13
N ASP A 505 -1.01 -21.31 -4.60
CA ASP A 505 -0.17 -22.18 -5.45
C ASP A 505 -0.95 -23.20 -6.28
N GLN A 506 -2.12 -23.62 -5.79
CA GLN A 506 -3.00 -24.49 -6.55
C GLN A 506 -3.38 -23.94 -7.93
N LEU A 507 -3.29 -22.63 -8.15
CA LEU A 507 -3.54 -22.11 -9.49
C LEU A 507 -2.66 -22.74 -10.61
N ARG A 508 -1.50 -23.30 -10.24
CA ARG A 508 -0.64 -24.04 -11.19
C ARG A 508 -1.40 -25.13 -11.94
N LYS A 509 -2.35 -25.76 -11.25
CA LYS A 509 -3.20 -26.77 -11.88
C LYS A 509 -3.87 -26.25 -13.13
N LEU A 510 -4.00 -24.93 -13.27
CA LEU A 510 -4.61 -24.38 -14.49
C LEU A 510 -3.74 -24.51 -15.73
N LEU A 511 -2.46 -24.83 -15.58
CA LEU A 511 -1.60 -25.01 -16.75
C LEU A 511 -2.16 -26.14 -17.65
N SER A 512 -2.76 -27.15 -17.03
CA SER A 512 -3.33 -28.25 -17.80
C SER A 512 -4.59 -27.87 -18.57
N TYR A 513 -5.01 -26.60 -18.56
CA TYR A 513 -6.19 -26.15 -19.32
C TYR A 513 -5.85 -25.14 -20.39
N VAL A 514 -4.56 -24.97 -20.65
CA VAL A 514 -4.07 -23.94 -21.56
C VAL A 514 -4.43 -24.22 -23.02
N ASP A 515 -4.65 -25.49 -23.33
CA ASP A 515 -5.11 -25.92 -24.65
C ASP A 515 -6.61 -26.30 -24.66
N ASP A 516 -7.30 -26.15 -23.53
CA ASP A 516 -8.74 -26.42 -23.44
C ASP A 516 -9.57 -25.27 -24.01
N GLU A 517 -10.27 -25.55 -25.09
CA GLU A 517 -10.98 -24.51 -25.86
C GLU A 517 -12.11 -23.83 -25.07
N ALA A 518 -12.76 -24.60 -24.20
CA ALA A 518 -13.88 -24.08 -23.42
C ALA A 518 -13.35 -23.07 -22.38
N PHE A 519 -12.28 -23.46 -21.67
CA PHE A 519 -11.62 -22.57 -20.68
C PHE A 519 -11.09 -21.28 -21.32
N ILE A 520 -10.44 -21.42 -22.46
CA ILE A 520 -9.96 -20.28 -23.21
C ILE A 520 -11.11 -19.32 -23.47
N ARG A 521 -12.24 -19.88 -23.90
CA ARG A 521 -13.43 -19.08 -24.16
C ARG A 521 -13.98 -18.42 -22.87
N ASP A 522 -14.04 -19.14 -21.76
CA ASP A 522 -14.54 -18.57 -20.50
C ASP A 522 -13.65 -17.42 -19.96
N VAL A 523 -12.33 -17.61 -19.98
CA VAL A 523 -11.39 -16.56 -19.59
C VAL A 523 -11.65 -15.29 -20.41
N ALA A 524 -11.73 -15.45 -21.72
CA ALA A 524 -11.94 -14.30 -22.58
C ALA A 524 -13.29 -13.66 -22.33
N LYS A 525 -14.30 -14.46 -21.99
CA LYS A 525 -15.64 -13.88 -21.72
C LYS A 525 -15.67 -13.09 -20.40
N VAL A 526 -15.10 -13.66 -19.36
CA VAL A 526 -14.99 -12.93 -18.08
C VAL A 526 -14.34 -11.55 -18.29
N LYS A 527 -13.18 -11.54 -18.93
CA LYS A 527 -12.50 -10.29 -19.24
C LYS A 527 -13.41 -9.33 -19.97
N GLN A 528 -14.07 -9.81 -21.02
CA GLN A 528 -14.93 -8.94 -21.83
C GLN A 528 -16.09 -8.37 -21.02
N GLU A 529 -16.72 -9.20 -20.20
CA GLU A 529 -17.79 -8.73 -19.32
C GLU A 529 -17.26 -7.67 -18.35
N ASN A 530 -16.05 -7.90 -17.82
CA ASN A 530 -15.44 -6.90 -16.92
C ASN A 530 -15.21 -5.59 -17.61
N LYS A 531 -14.83 -5.63 -18.88
CA LYS A 531 -14.57 -4.41 -19.65
C LYS A 531 -15.85 -3.65 -19.96
N LEU A 532 -16.93 -4.36 -20.28
CA LEU A 532 -18.24 -3.73 -20.53
C LEU A 532 -18.77 -3.08 -19.26
N LYS A 533 -18.68 -3.80 -18.14
CA LYS A 533 -19.10 -3.24 -16.86
C LYS A 533 -18.33 -1.95 -16.52
N PHE A 534 -17.00 -1.97 -16.70
CA PHE A 534 -16.20 -0.78 -16.43
C PHE A 534 -16.47 0.35 -17.42
N ALA A 535 -16.66 0.00 -18.68
CA ALA A 535 -16.94 1.01 -19.70
C ALA A 535 -18.23 1.75 -19.37
N ALA A 536 -19.17 1.02 -18.78
CA ALA A 536 -20.46 1.58 -18.39
C ALA A 536 -20.25 2.52 -17.22
N TYR A 537 -19.52 2.05 -16.21
CA TYR A 537 -19.22 2.87 -15.02
C TYR A 537 -18.64 4.22 -15.42
N LEU A 538 -17.70 4.22 -16.36
CA LEU A 538 -17.11 5.47 -16.84
C LEU A 538 -18.20 6.44 -17.29
N GLU A 539 -19.04 6.01 -18.24
CA GLU A 539 -20.16 6.83 -18.71
C GLU A 539 -21.08 7.34 -17.59
N ARG A 540 -21.51 6.44 -16.71
CA ARG A 540 -22.44 6.79 -15.62
C ARG A 540 -21.91 7.84 -14.63
N GLU A 541 -20.77 7.57 -13.99
CA GLU A 541 -20.21 8.49 -12.97
C GLU A 541 -19.31 9.58 -13.51
N TYR A 542 -18.85 9.47 -14.77
CA TYR A 542 -17.93 10.46 -15.36
C TYR A 542 -18.20 10.75 -16.84
N LYS A 543 -19.46 10.59 -17.26
CA LYS A 543 -20.01 11.10 -18.55
C LYS A 543 -19.09 11.22 -19.78
N VAL A 544 -18.27 10.21 -20.08
CA VAL A 544 -17.68 10.10 -21.45
C VAL A 544 -17.51 8.63 -21.89
N HIS A 545 -17.47 8.43 -23.21
CA HIS A 545 -17.66 7.12 -23.84
C HIS A 545 -16.36 6.52 -24.38
N ILE A 546 -16.24 5.19 -24.25
CA ILE A 546 -15.09 4.46 -24.77
C ILE A 546 -15.48 3.21 -25.53
N ASN A 547 -14.63 2.80 -26.46
CA ASN A 547 -14.82 1.57 -27.20
C ASN A 547 -14.36 0.38 -26.34
N PRO A 548 -15.27 -0.56 -26.02
CA PRO A 548 -14.89 -1.68 -25.17
C PRO A 548 -14.26 -2.83 -25.93
N ASN A 549 -14.11 -2.69 -27.25
CA ASN A 549 -13.30 -3.64 -28.03
C ASN A 549 -11.82 -3.30 -28.14
N SER A 550 -11.46 -2.09 -27.71
CA SER A 550 -10.05 -1.70 -27.68
C SER A 550 -9.31 -2.47 -26.59
N LEU A 551 -7.99 -2.49 -26.71
CA LEU A 551 -7.12 -2.98 -25.66
C LEU A 551 -7.09 -1.93 -24.53
N PHE A 552 -7.37 -2.36 -23.31
CA PHE A 552 -7.39 -1.45 -22.15
C PHE A 552 -5.97 -1.42 -21.57
N ASP A 553 -5.28 -0.32 -21.85
CA ASP A 553 -3.88 -0.13 -21.53
C ASP A 553 -3.88 0.72 -20.26
N VAL A 554 -3.49 0.13 -19.14
CA VAL A 554 -3.72 0.77 -17.83
C VAL A 554 -2.43 0.96 -16.99
N GLN A 555 -2.23 2.21 -16.57
CA GLN A 555 -1.19 2.59 -15.59
C GLN A 555 -1.80 3.31 -14.37
N VAL A 556 -1.96 2.59 -13.26
CA VAL A 556 -2.50 3.16 -12.05
C VAL A 556 -1.58 2.94 -10.84
N LYS A 557 -1.25 4.06 -10.19
CA LYS A 557 -0.31 4.13 -9.07
C LYS A 557 -0.10 5.62 -8.77
N ARG A 558 0.49 5.93 -7.62
CA ARG A 558 0.82 7.33 -7.30
C ARG A 558 1.71 7.93 -8.41
N ILE A 559 1.56 9.22 -8.64
CA ILE A 559 2.34 9.92 -9.69
C ILE A 559 3.72 10.27 -9.14
N HIS A 560 4.77 9.69 -9.74
CA HIS A 560 6.18 9.98 -9.39
C HIS A 560 7.02 9.98 -10.65
N GLU A 561 8.10 10.75 -10.67
CA GLU A 561 9.04 10.68 -11.80
C GLU A 561 9.64 9.28 -11.97
N TYR A 562 9.90 8.56 -10.88
CA TYR A 562 10.54 7.26 -11.00
C TYR A 562 9.64 6.20 -11.64
N LYS A 563 8.32 6.37 -11.50
CA LYS A 563 7.32 5.44 -12.05
C LYS A 563 7.09 5.69 -13.55
N ARG A 564 7.54 6.85 -14.04
CA ARG A 564 7.68 7.14 -15.46
C ARG A 564 6.35 7.10 -16.24
N GLN A 565 5.30 7.65 -15.61
CA GLN A 565 4.10 8.02 -16.32
C GLN A 565 4.45 8.82 -17.58
N LEU A 566 5.53 9.61 -17.50
CA LEU A 566 5.98 10.38 -18.67
C LEU A 566 6.41 9.50 -19.83
N LEU A 567 7.02 8.35 -19.55
CA LEU A 567 7.44 7.49 -20.64
C LEU A 567 6.18 6.97 -21.37
N ASN A 568 5.16 6.61 -20.60
CA ASN A 568 3.85 6.23 -21.16
C ASN A 568 3.32 7.37 -22.01
N CYS A 569 3.40 8.60 -21.52
CA CYS A 569 2.93 9.75 -22.27
C CYS A 569 3.62 9.87 -23.62
N LEU A 570 4.93 9.61 -23.63
CA LEU A 570 5.69 9.71 -24.86
C LEU A 570 5.19 8.65 -25.85
N HIS A 571 4.87 7.45 -25.35
CA HIS A 571 4.36 6.40 -26.24
C HIS A 571 3.01 6.80 -26.86
N VAL A 572 2.12 7.35 -26.03
CA VAL A 572 0.81 7.77 -26.49
C VAL A 572 0.90 8.80 -27.61
N ILE A 573 1.80 9.77 -27.47
CA ILE A 573 1.96 10.81 -28.48
C ILE A 573 2.57 10.20 -29.75
N THR A 574 3.40 9.17 -29.60
CA THR A 574 3.97 8.49 -30.74
C THR A 574 2.86 7.80 -31.57
N LEU A 575 1.95 7.10 -30.90
CA LEU A 575 0.82 6.47 -31.58
C LEU A 575 -0.03 7.51 -32.32
N TYR A 576 -0.31 8.61 -31.65
CA TYR A 576 -1.08 9.67 -32.24
C TYR A 576 -0.41 10.22 -33.50
N ASN A 577 0.89 10.49 -33.42
CA ASN A 577 1.61 11.04 -34.57
C ASN A 577 1.67 10.04 -35.75
N ARG A 578 1.84 8.76 -35.45
CA ARG A 578 1.82 7.73 -36.49
C ARG A 578 0.45 7.61 -37.20
N ILE A 579 -0.65 7.76 -36.44
CA ILE A 579 -1.99 7.79 -37.02
C ILE A 579 -2.15 9.00 -37.95
N LYS A 580 -1.71 10.18 -37.50
CA LYS A 580 -1.83 11.39 -38.30
C LYS A 580 -1.00 11.34 -39.59
N LYS A 581 0.09 10.60 -39.53
CA LYS A 581 1.01 10.47 -40.65
C LYS A 581 0.41 9.54 -41.71
N GLU A 582 -0.19 8.42 -41.27
CA GLU A 582 -0.85 7.45 -42.15
C GLU A 582 -2.27 7.14 -41.64
N PRO A 583 -3.20 8.06 -41.82
CA PRO A 583 -4.52 7.88 -41.19
C PRO A 583 -5.25 6.60 -41.59
N ASN A 584 -4.99 6.10 -42.80
CA ASN A 584 -5.83 5.03 -43.36
C ASN A 584 -5.20 3.68 -43.19
N LYS A 585 -4.10 3.62 -42.46
CA LYS A 585 -3.48 2.37 -42.08
C LYS A 585 -4.17 1.81 -40.84
N PHE A 586 -4.19 0.49 -40.71
CA PHE A 586 -4.81 -0.16 -39.56
C PHE A 586 -3.86 -0.20 -38.35
N VAL A 587 -4.40 0.17 -37.18
CA VAL A 587 -3.74 -0.01 -35.87
C VAL A 587 -4.69 -0.65 -34.85
N VAL A 588 -4.15 -1.51 -33.98
CA VAL A 588 -4.96 -2.07 -32.92
C VAL A 588 -5.50 -0.95 -32.03
N PRO A 589 -6.84 -0.83 -31.90
CA PRO A 589 -7.33 0.29 -31.12
C PRO A 589 -7.04 0.13 -29.64
N ARG A 590 -6.88 1.25 -28.95
CA ARG A 590 -6.48 1.24 -27.54
C ARG A 590 -7.20 2.28 -26.76
N THR A 591 -7.58 1.93 -25.55
CA THR A 591 -7.94 2.91 -24.55
C THR A 591 -6.80 2.94 -23.55
N VAL A 592 -6.14 4.09 -23.47
CA VAL A 592 -5.03 4.27 -22.53
C VAL A 592 -5.52 5.03 -21.31
N MET A 593 -5.45 4.36 -20.17
CA MET A 593 -5.92 4.88 -18.91
C MET A 593 -4.76 5.06 -17.94
N ILE A 594 -4.64 6.27 -17.42
CA ILE A 594 -3.64 6.58 -16.42
C ILE A 594 -4.33 7.25 -15.27
N GLY A 595 -4.02 6.81 -14.07
CA GLY A 595 -4.61 7.42 -12.92
C GLY A 595 -3.68 7.37 -11.74
N GLY A 596 -3.89 8.31 -10.83
CA GLY A 596 -3.18 8.33 -9.56
C GLY A 596 -3.08 9.73 -8.99
N LYS A 597 -2.84 9.78 -7.68
CA LYS A 597 -2.73 11.08 -6.99
C LYS A 597 -1.29 11.55 -6.94
N ALA A 598 -1.13 12.86 -6.92
CA ALA A 598 0.17 13.50 -6.71
C ALA A 598 0.26 14.10 -5.31
N ALA A 599 1.43 14.02 -4.71
CA ALA A 599 1.66 14.63 -3.40
C ALA A 599 1.44 16.15 -3.56
N PRO A 600 0.72 16.77 -2.62
CA PRO A 600 0.37 18.19 -2.80
C PRO A 600 1.52 19.14 -3.10
N GLY A 601 2.68 18.94 -2.49
CA GLY A 601 3.83 19.84 -2.77
C GLY A 601 4.71 19.48 -3.96
N TYR A 602 4.36 18.46 -4.72
CA TYR A 602 5.25 17.88 -5.71
C TYR A 602 4.88 18.45 -7.07
N HIS A 603 5.56 19.55 -7.41
CA HIS A 603 5.20 20.35 -8.56
C HIS A 603 5.27 19.54 -9.88
N MET A 604 6.37 18.82 -10.09
CA MET A 604 6.55 18.05 -11.33
C MET A 604 5.44 16.99 -11.53
N ALA A 605 5.03 16.32 -10.45
CA ALA A 605 3.92 15.36 -10.52
C ALA A 605 2.62 16.03 -10.92
N LYS A 606 2.41 17.23 -10.41
CA LYS A 606 1.24 18.00 -10.75
C LYS A 606 1.27 18.42 -12.21
N MET A 607 2.44 18.71 -12.75
CA MET A 607 2.57 19.03 -14.18
C MET A 607 2.29 17.80 -15.05
N ILE A 608 2.73 16.62 -14.60
CA ILE A 608 2.51 15.40 -15.36
C ILE A 608 1.01 15.09 -15.52
N ILE A 609 0.25 15.24 -14.44
CA ILE A 609 -1.19 15.10 -14.49
C ILE A 609 -1.80 16.06 -15.52
N LYS A 610 -1.38 17.31 -15.48
CA LYS A 610 -1.83 18.29 -16.47
C LYS A 610 -1.48 17.88 -17.89
N LEU A 611 -0.27 17.39 -18.10
CA LEU A 611 0.15 16.93 -19.43
C LEU A 611 -0.76 15.80 -19.93
N ILE A 612 -1.11 14.86 -19.05
CA ILE A 612 -1.94 13.73 -19.46
C ILE A 612 -3.32 14.21 -19.91
N THR A 613 -3.94 15.06 -19.11
CA THR A 613 -5.23 15.60 -19.49
C THR A 613 -5.11 16.41 -20.79
N ALA A 614 -4.00 17.15 -20.96
CA ALA A 614 -3.78 17.97 -22.16
C ALA A 614 -3.70 17.13 -23.45
N ILE A 615 -3.00 16.01 -23.37
CA ILE A 615 -2.91 15.05 -24.47
C ILE A 615 -4.28 14.49 -24.84
N GLY A 616 -5.02 14.08 -23.80
CA GLY A 616 -6.43 13.68 -23.94
C GLY A 616 -7.27 14.70 -24.69
N ASP A 617 -7.15 15.97 -24.32
CA ASP A 617 -7.92 17.03 -24.97
C ASP A 617 -7.70 17.04 -26.48
N VAL A 618 -6.46 16.86 -26.92
CA VAL A 618 -6.16 16.85 -28.36
C VAL A 618 -6.59 15.54 -29.01
N VAL A 619 -6.16 14.43 -28.43
CA VAL A 619 -6.35 13.10 -29.04
C VAL A 619 -7.82 12.69 -29.12
N ASN A 620 -8.59 12.99 -28.08
CA ASN A 620 -9.94 12.49 -27.98
C ASN A 620 -10.92 13.24 -28.87
N HIS A 621 -10.51 14.40 -29.38
CA HIS A 621 -11.37 15.22 -30.24
C HIS A 621 -10.81 15.36 -31.66
N ASP A 622 -9.92 14.45 -32.05
CA ASP A 622 -9.42 14.43 -33.42
C ASP A 622 -10.26 13.44 -34.26
N PRO A 623 -11.06 13.99 -35.21
CA PRO A 623 -11.93 13.17 -36.08
C PRO A 623 -11.16 12.08 -36.82
N VAL A 624 -9.93 12.38 -37.21
CA VAL A 624 -9.12 11.41 -37.95
C VAL A 624 -8.76 10.18 -37.09
N VAL A 625 -8.60 10.39 -35.78
CA VAL A 625 -8.24 9.30 -34.89
C VAL A 625 -9.44 8.39 -34.70
N GLY A 626 -10.61 9.01 -34.51
CA GLY A 626 -11.85 8.26 -34.32
C GLY A 626 -11.87 7.55 -32.98
N ASP A 627 -12.29 6.29 -32.96
CA ASP A 627 -12.25 5.52 -31.73
C ASP A 627 -11.07 4.54 -31.69
N ARG A 628 -9.99 4.85 -32.41
CA ARG A 628 -8.79 4.00 -32.41
C ARG A 628 -7.82 4.30 -31.26
N LEU A 629 -7.92 5.49 -30.70
CA LEU A 629 -7.08 5.90 -29.58
C LEU A 629 -7.84 6.86 -28.69
N ARG A 630 -7.87 6.56 -27.40
CA ARG A 630 -8.50 7.37 -26.39
C ARG A 630 -7.55 7.42 -25.20
N VAL A 631 -7.46 8.60 -24.59
CA VAL A 631 -6.60 8.79 -23.41
C VAL A 631 -7.43 9.34 -22.26
N ILE A 632 -7.65 8.54 -21.22
CA ILE A 632 -8.46 8.97 -20.10
C ILE A 632 -7.57 9.07 -18.86
N PHE A 633 -7.73 10.17 -18.13
CA PHE A 633 -7.14 10.27 -16.80
C PHE A 633 -8.16 9.82 -15.77
N LEU A 634 -7.87 8.73 -15.07
CA LEU A 634 -8.80 8.20 -14.07
C LEU A 634 -8.68 8.99 -12.77
N GLU A 635 -9.69 9.79 -12.48
CA GLU A 635 -9.73 10.65 -11.32
C GLU A 635 -9.95 9.88 -10.00
N ASN A 636 -9.28 10.34 -8.94
CA ASN A 636 -9.46 9.85 -7.59
C ASN A 636 -9.17 8.36 -7.40
N TYR A 637 -8.07 7.91 -7.98
CA TYR A 637 -7.66 6.54 -7.83
C TYR A 637 -7.46 6.25 -6.36
N ARG A 638 -8.01 5.10 -5.93
CA ARG A 638 -8.07 4.67 -4.54
C ARG A 638 -8.42 3.18 -4.56
N VAL A 639 -8.49 2.53 -3.41
CA VAL A 639 -8.68 1.07 -3.38
C VAL A 639 -9.99 0.65 -4.06
N SER A 640 -11.09 1.35 -3.78
CA SER A 640 -12.39 0.99 -4.37
C SER A 640 -12.38 1.09 -5.91
N LEU A 641 -11.71 2.10 -6.46
CA LEU A 641 -11.52 2.21 -7.92
C LEU A 641 -10.57 1.13 -8.49
N ALA A 642 -9.54 0.76 -7.72
CA ALA A 642 -8.65 -0.31 -8.12
C ALA A 642 -9.41 -1.61 -8.32
N GLU A 643 -10.37 -1.89 -7.41
CA GLU A 643 -11.18 -3.09 -7.47
C GLU A 643 -12.03 -3.14 -8.73
N LYS A 644 -12.35 -1.99 -9.32
CA LYS A 644 -13.10 -1.93 -10.58
C LYS A 644 -12.20 -1.99 -11.82
N VAL A 645 -11.14 -1.20 -11.86
CA VAL A 645 -10.34 -1.06 -13.11
C VAL A 645 -9.40 -2.24 -13.36
N ILE A 646 -8.87 -2.82 -12.29
CA ILE A 646 -7.89 -3.91 -12.46
C ILE A 646 -8.52 -5.16 -13.12
N PRO A 647 -9.74 -5.57 -12.72
CA PRO A 647 -10.36 -6.68 -13.48
C PRO A 647 -10.66 -6.38 -14.95
N ALA A 648 -10.78 -5.11 -15.32
CA ALA A 648 -11.03 -4.73 -16.71
C ALA A 648 -9.79 -4.51 -17.59
N ALA A 649 -8.59 -4.66 -17.03
CA ALA A 649 -7.39 -4.35 -17.79
C ALA A 649 -6.90 -5.52 -18.68
N ASP A 650 -6.44 -5.19 -19.87
CA ASP A 650 -5.70 -6.12 -20.72
C ASP A 650 -4.19 -6.00 -20.56
N LEU A 651 -3.71 -4.76 -20.44
CA LEU A 651 -2.26 -4.48 -20.31
C LEU A 651 -1.92 -3.68 -19.04
N SER A 652 -0.96 -4.20 -18.27
CA SER A 652 -0.47 -3.58 -17.04
C SER A 652 0.90 -2.91 -17.24
N GLU A 653 0.96 -1.60 -17.00
CA GLU A 653 2.18 -0.83 -17.22
C GLU A 653 2.98 -0.70 -15.93
N GLN A 654 4.14 -1.35 -15.90
CA GLN A 654 5.01 -1.41 -14.75
C GLN A 654 6.42 -1.02 -15.20
N ILE A 655 6.63 0.28 -15.42
CA ILE A 655 7.72 0.78 -16.27
C ILE A 655 8.71 1.74 -15.56
N SER A 656 8.87 1.52 -14.26
CA SER A 656 9.83 2.25 -13.47
C SER A 656 11.25 1.98 -13.97
N THR A 657 12.12 2.98 -13.85
CA THR A 657 13.54 2.80 -14.13
C THR A 657 14.12 1.71 -13.25
N ALA A 658 14.84 0.78 -13.86
CA ALA A 658 15.40 -0.36 -13.13
C ALA A 658 16.19 0.14 -11.92
N GLY A 659 15.92 -0.49 -10.77
CA GLY A 659 16.53 -0.11 -9.50
C GLY A 659 15.72 0.82 -8.60
N THR A 660 14.55 1.29 -9.04
CA THR A 660 13.83 2.32 -8.27
C THR A 660 12.57 1.84 -7.56
N GLU A 661 11.80 0.92 -8.16
CA GLU A 661 10.59 0.39 -7.53
C GLU A 661 10.99 -0.77 -6.65
N ALA A 662 10.94 -0.62 -5.32
CA ALA A 662 11.43 -1.66 -4.42
C ALA A 662 10.77 -3.02 -4.75
N SER A 663 9.45 -2.99 -4.92
CA SER A 663 8.71 -4.20 -5.29
C SER A 663 7.63 -3.90 -6.30
N GLY A 664 6.69 -3.04 -5.91
CA GLY A 664 5.39 -2.97 -6.59
C GLY A 664 4.45 -4.02 -6.01
N THR A 665 3.16 -3.69 -5.95
CA THR A 665 2.11 -4.64 -5.62
C THR A 665 0.94 -4.59 -6.59
N GLY A 666 0.74 -3.44 -7.21
CA GLY A 666 -0.24 -3.34 -8.26
C GLY A 666 0.07 -4.34 -9.35
N ASN A 667 1.35 -4.46 -9.70
CA ASN A 667 1.79 -5.45 -10.69
C ASN A 667 1.15 -6.85 -10.48
N MET A 668 1.19 -7.33 -9.23
CA MET A 668 0.68 -8.63 -8.85
C MET A 668 -0.85 -8.69 -8.98
N1 LLP A 669 -2.62 2.51 -4.58
C2 LLP A 669 -3.70 1.72 -4.48
C2' LLP A 669 -5.05 2.35 -4.25
C3 LLP A 669 -3.57 0.26 -4.58
O3 LLP A 669 -4.62 -0.58 -4.48
C4 LLP A 669 -2.23 -0.27 -4.80
C4' LLP A 669 -1.94 -1.74 -4.93
C5 LLP A 669 -1.11 0.68 -4.89
C6 LLP A 669 -1.38 2.04 -4.78
C5' LLP A 669 0.30 0.19 -5.16
OP4 LLP A 669 0.50 0.25 -6.55
P LLP A 669 1.99 0.19 -7.16
OP1 LLP A 669 1.62 0.04 -8.61
OP2 LLP A 669 2.54 1.54 -6.84
OP3 LLP A 669 2.69 -0.97 -6.51
N LLP A 669 -1.51 -7.60 -8.62
CA LLP A 669 -2.96 -7.52 -8.74
CB LLP A 669 -3.51 -6.17 -8.24
CG LLP A 669 -3.17 -5.86 -6.77
CD LLP A 669 -3.51 -4.42 -6.42
CE LLP A 669 -2.89 -4.00 -5.09
NZ LLP A 669 -3.09 -2.60 -4.84
C LLP A 669 -3.38 -7.74 -10.19
O LLP A 669 -4.31 -8.50 -10.47
N PHE A 670 -2.70 -7.07 -11.12
CA PHE A 670 -3.05 -7.19 -12.54
C PHE A 670 -2.79 -8.59 -13.08
N MET A 671 -1.72 -9.22 -12.60
CA MET A 671 -1.34 -10.54 -13.06
C MET A 671 -2.40 -11.58 -12.66
N LEU A 672 -2.92 -11.43 -11.45
CA LEU A 672 -3.95 -12.31 -10.91
C LEU A 672 -5.29 -12.19 -11.62
N ASN A 673 -5.53 -11.06 -12.27
CA ASN A 673 -6.82 -10.74 -12.84
C ASN A 673 -6.85 -10.73 -14.36
N GLY A 674 -5.82 -11.26 -14.99
CA GLY A 674 -5.88 -11.60 -16.43
C GLY A 674 -5.41 -10.54 -17.39
N ALA A 675 -4.50 -9.69 -16.92
CA ALA A 675 -3.83 -8.72 -17.78
C ALA A 675 -2.44 -9.22 -18.04
N LEU A 676 -1.88 -8.86 -19.20
CA LEU A 676 -0.47 -9.10 -19.47
C LEU A 676 0.33 -7.89 -19.02
N THR A 677 1.60 -8.10 -18.72
CA THR A 677 2.44 -7.05 -18.16
C THR A 677 3.51 -6.61 -19.16
N ILE A 678 3.59 -5.30 -19.43
CA ILE A 678 4.77 -4.70 -20.03
C ILE A 678 5.54 -3.96 -18.93
N GLY A 679 6.80 -4.30 -18.74
CA GLY A 679 7.57 -3.67 -17.69
C GLY A 679 9.06 -3.87 -17.82
N THR A 680 9.79 -3.13 -17.00
CA THR A 680 11.23 -3.26 -16.84
C THR A 680 11.56 -4.37 -15.86
N MET A 681 12.81 -4.79 -15.85
CA MET A 681 13.30 -5.75 -14.86
C MET A 681 13.60 -5.01 -13.54
N ASP A 682 12.53 -4.62 -12.84
CA ASP A 682 12.59 -3.88 -11.60
C ASP A 682 11.68 -4.49 -10.53
N GLY A 683 12.04 -4.33 -9.27
CA GLY A 683 11.20 -4.84 -8.19
C GLY A 683 10.74 -6.26 -8.43
N ALA A 684 9.46 -6.52 -8.13
CA ALA A 684 8.92 -7.88 -8.18
C ALA A 684 8.64 -8.35 -9.61
N ASN A 685 8.67 -7.43 -10.58
CA ASN A 685 8.51 -7.78 -11.99
C ASN A 685 9.47 -8.92 -12.35
N VAL A 686 10.68 -8.87 -11.77
CA VAL A 686 11.72 -9.86 -12.04
C VAL A 686 11.26 -11.26 -11.64
N GLU A 687 10.69 -11.35 -10.44
CA GLU A 687 10.21 -12.63 -9.95
C GLU A 687 8.94 -13.04 -10.67
N MET A 688 8.14 -12.06 -11.10
CA MET A 688 6.91 -12.39 -11.83
C MET A 688 7.24 -13.06 -13.18
N ALA A 689 8.21 -12.51 -13.91
CA ALA A 689 8.63 -13.02 -15.22
C ALA A 689 9.30 -14.37 -15.05
N GLU A 690 10.05 -14.54 -13.97
CA GLU A 690 10.61 -15.83 -13.63
C GLU A 690 9.55 -16.89 -13.35
N GLU A 691 8.48 -16.55 -12.64
CA GLU A 691 7.42 -17.54 -12.38
C GLU A 691 6.65 -17.90 -13.67
N ALA A 692 6.31 -16.92 -14.49
CA ALA A 692 5.50 -17.19 -15.68
C ALA A 692 6.30 -17.68 -16.91
N GLY A 693 7.60 -17.45 -16.91
CA GLY A 693 8.45 -17.59 -18.08
C GLY A 693 8.57 -16.26 -18.80
N GLU A 694 9.79 -15.87 -19.15
CA GLU A 694 10.05 -14.58 -19.85
C GLU A 694 9.31 -14.42 -21.16
N GLU A 695 9.10 -15.53 -21.86
CA GLU A 695 8.35 -15.51 -23.11
C GLU A 695 6.87 -15.11 -22.92
N ASN A 696 6.37 -15.14 -21.69
CA ASN A 696 4.99 -14.78 -21.39
C ASN A 696 4.83 -13.46 -20.66
N PHE A 697 5.84 -12.62 -20.84
CA PHE A 697 5.93 -11.31 -20.20
C PHE A 697 6.53 -10.33 -21.21
N PHE A 698 6.09 -9.08 -21.24
CA PHE A 698 6.68 -8.11 -22.17
C PHE A 698 7.76 -7.26 -21.49
N ILE A 699 8.97 -7.80 -21.46
CA ILE A 699 10.13 -7.22 -20.83
C ILE A 699 10.87 -6.30 -21.82
N PHE A 700 11.24 -5.12 -21.36
CA PHE A 700 12.04 -4.23 -22.16
C PHE A 700 12.94 -3.39 -21.24
N GLY A 701 13.93 -2.76 -21.86
CA GLY A 701 14.65 -1.66 -21.23
C GLY A 701 15.93 -2.07 -20.54
N MET A 702 16.63 -1.05 -20.05
CA MET A 702 17.84 -1.24 -19.27
C MET A 702 17.60 -2.12 -18.04
N ARG A 703 18.57 -2.97 -17.73
CA ARG A 703 18.63 -3.62 -16.44
C ARG A 703 19.37 -2.70 -15.48
N VAL A 704 19.42 -3.09 -14.22
CA VAL A 704 20.11 -2.32 -13.18
C VAL A 704 21.57 -2.06 -13.58
N GLU A 705 22.22 -3.11 -14.06
CA GLU A 705 23.59 -3.03 -14.56
C GLU A 705 23.77 -1.98 -15.68
N ASP A 706 22.79 -1.85 -16.57
CA ASP A 706 22.93 -0.89 -17.68
C ASP A 706 22.77 0.55 -17.15
N VAL A 707 21.90 0.72 -16.17
CA VAL A 707 21.67 2.04 -15.60
C VAL A 707 22.97 2.54 -14.96
N ASP A 708 23.62 1.65 -14.24
CA ASP A 708 24.94 1.93 -13.66
C ASP A 708 25.99 2.34 -14.66
N ARG A 709 26.12 1.57 -15.74
CA ARG A 709 27.07 1.91 -16.80
C ARG A 709 26.77 3.27 -17.36
N LEU A 710 25.50 3.57 -17.56
CA LEU A 710 25.11 4.88 -18.08
C LEU A 710 25.50 6.02 -17.12
N ASP A 711 25.32 5.79 -15.81
CA ASP A 711 25.71 6.77 -14.80
C ASP A 711 27.23 7.00 -14.78
N GLN A 712 28.02 5.94 -14.89
CA GLN A 712 29.48 6.10 -14.93
C GLN A 712 29.89 7.00 -16.06
N ARG A 713 29.36 6.72 -17.24
CA ARG A 713 29.60 7.51 -18.44
C ARG A 713 29.08 8.94 -18.37
N GLY A 714 27.92 9.09 -17.74
CA GLY A 714 27.18 10.36 -17.77
C GLY A 714 25.99 10.25 -18.70
N TYR A 715 24.79 10.49 -18.19
CA TYR A 715 23.60 10.42 -19.02
C TYR A 715 23.44 11.73 -19.76
N ASN A 716 23.47 11.69 -21.08
CA ASN A 716 23.22 12.87 -21.90
C ASN A 716 21.97 12.68 -22.79
N ALA A 717 20.86 13.28 -22.37
CA ALA A 717 19.59 13.12 -23.05
C ALA A 717 19.59 13.68 -24.48
N GLN A 718 20.41 14.70 -24.73
CA GLN A 718 20.53 15.32 -26.07
C GLN A 718 20.86 14.29 -27.16
N GLU A 719 21.69 13.32 -26.82
CA GLU A 719 22.10 12.26 -27.72
C GLU A 719 20.89 11.52 -28.31
N TYR A 720 19.91 11.18 -27.47
CA TYR A 720 18.72 10.46 -27.90
C TYR A 720 17.87 11.37 -28.78
N TYR A 721 17.69 12.61 -28.35
CA TYR A 721 16.96 13.61 -29.16
C TYR A 721 17.56 13.78 -30.58
N ASP A 722 18.88 13.73 -30.67
CA ASP A 722 19.58 13.91 -31.94
C ASP A 722 19.43 12.70 -32.87
N ARG A 723 19.35 11.49 -32.31
CA ARG A 723 19.34 10.26 -33.14
C ARG A 723 17.95 9.64 -33.35
N ILE A 724 16.91 10.17 -32.74
CA ILE A 724 15.56 9.56 -32.89
C ILE A 724 14.57 10.61 -33.35
N PRO A 725 14.21 10.61 -34.66
CA PRO A 725 13.37 11.67 -35.19
C PRO A 725 11.97 11.72 -34.57
N GLU A 726 11.36 10.55 -34.32
CA GLU A 726 10.05 10.52 -33.65
C GLU A 726 10.06 11.17 -32.26
N LEU A 727 11.17 11.01 -31.53
CA LEU A 727 11.33 11.63 -30.21
C LEU A 727 11.48 13.16 -30.30
N ARG A 728 12.27 13.60 -31.26
CA ARG A 728 12.50 15.02 -31.52
C ARG A 728 11.19 15.71 -31.84
N GLN A 729 10.40 15.09 -32.70
CA GLN A 729 9.09 15.64 -33.06
C GLN A 729 8.20 15.83 -31.85
N ILE A 730 8.20 14.87 -30.92
CA ILE A 730 7.39 15.01 -29.68
C ILE A 730 7.85 16.20 -28.83
N ILE A 731 9.16 16.32 -28.66
CA ILE A 731 9.73 17.39 -27.85
C ILE A 731 9.41 18.74 -28.46
N GLU A 732 9.52 18.83 -29.78
CA GLU A 732 9.16 20.06 -30.46
C GLU A 732 7.67 20.38 -30.27
N GLN A 733 6.79 19.38 -30.33
CA GLN A 733 5.36 19.64 -30.12
C GLN A 733 5.12 20.17 -28.72
N LEU A 734 5.80 19.57 -27.74
CA LEU A 734 5.72 20.01 -26.35
C LEU A 734 6.16 21.46 -26.16
N SER A 735 7.35 21.78 -26.65
CA SER A 735 7.93 23.12 -26.50
C SER A 735 7.10 24.17 -27.21
N SER A 736 6.59 23.84 -28.38
CA SER A 736 5.99 24.85 -29.24
C SER A 736 4.55 25.16 -28.86
N GLY A 737 3.92 24.36 -28.02
CA GLY A 737 2.53 24.64 -27.62
C GLY A 737 1.44 23.89 -28.36
N PHE A 738 1.83 22.85 -29.08
CA PHE A 738 0.87 21.97 -29.74
C PHE A 738 -0.20 21.46 -28.76
N PHE A 739 0.22 21.07 -27.55
CA PHE A 739 -0.70 20.54 -26.54
C PHE A 739 -1.23 21.57 -25.54
N SER A 740 -0.89 22.85 -25.75
CA SER A 740 -1.29 23.93 -24.86
C SER A 740 -1.40 25.25 -25.67
N PRO A 741 -2.34 25.31 -26.64
CA PRO A 741 -2.34 26.39 -27.62
C PRO A 741 -2.44 27.78 -27.01
N LYS A 742 -3.24 27.91 -25.94
CA LYS A 742 -3.43 29.18 -25.29
C LYS A 742 -2.33 29.58 -24.29
N GLN A 743 -1.42 28.65 -24.01
CA GLN A 743 -0.23 28.96 -23.19
C GLN A 743 0.93 28.16 -23.75
N PRO A 744 1.53 28.63 -24.84
CA PRO A 744 2.52 27.82 -25.56
C PRO A 744 3.66 27.25 -24.71
N ASP A 745 4.05 27.92 -23.64
CA ASP A 745 5.20 27.50 -22.82
C ASP A 745 4.82 26.67 -21.55
N LEU A 746 3.55 26.30 -21.41
CA LEU A 746 3.08 25.57 -20.24
C LEU A 746 3.98 24.40 -19.80
N PHE A 747 4.57 23.70 -20.76
CA PHE A 747 5.28 22.46 -20.45
C PHE A 747 6.79 22.60 -20.54
N LYS A 748 7.29 23.83 -20.44
CA LYS A 748 8.74 24.10 -20.48
C LYS A 748 9.49 23.45 -19.32
N ASP A 749 8.87 23.39 -18.14
CA ASP A 749 9.50 22.70 -17.00
C ASP A 749 9.74 21.21 -17.31
N ILE A 750 8.76 20.58 -17.96
CA ILE A 750 8.86 19.16 -18.33
C ILE A 750 9.96 18.92 -19.36
N VAL A 751 9.96 19.71 -20.44
CA VAL A 751 10.97 19.59 -21.52
C VAL A 751 12.35 19.82 -20.95
N ASN A 752 12.45 20.83 -20.08
CA ASN A 752 13.72 21.17 -19.50
C ASN A 752 14.24 20.06 -18.60
N MET A 753 13.35 19.50 -17.79
CA MET A 753 13.74 18.37 -16.94
C MET A 753 14.21 17.20 -17.82
N LEU A 754 13.42 16.84 -18.84
CA LEU A 754 13.76 15.68 -19.70
C LEU A 754 15.07 15.84 -20.45
N MET A 755 15.34 17.07 -20.90
CA MET A 755 16.54 17.37 -21.69
C MET A 755 17.80 17.52 -20.84
N HIS A 756 17.68 18.07 -19.63
CA HIS A 756 18.88 18.43 -18.84
C HIS A 756 18.99 17.82 -17.44
N HIS A 757 17.87 17.43 -16.82
CA HIS A 757 17.88 17.08 -15.38
C HIS A 757 17.14 15.79 -15.02
N ASP A 758 17.15 14.79 -15.91
CA ASP A 758 16.33 13.60 -15.77
C ASP A 758 17.07 12.50 -15.01
N ARG A 759 16.80 12.39 -13.72
CA ARG A 759 17.40 11.37 -12.89
C ARG A 759 16.99 9.97 -13.33
N PHE A 760 15.86 9.84 -14.02
CA PHE A 760 15.28 8.52 -14.30
C PHE A 760 15.33 8.05 -15.78
N LYS A 761 16.00 8.83 -16.63
CA LYS A 761 16.45 8.37 -17.93
C LYS A 761 15.32 7.89 -18.85
N VAL A 762 14.26 8.66 -18.92
CA VAL A 762 13.12 8.41 -19.77
C VAL A 762 13.51 8.17 -21.23
N PHE A 763 14.35 9.03 -21.81
CA PHE A 763 14.73 8.87 -23.20
C PHE A 763 15.53 7.58 -23.41
N ALA A 764 16.29 7.15 -22.41
CA ALA A 764 17.14 5.98 -22.64
C ALA A 764 16.35 4.68 -22.88
N ASP A 765 15.09 4.62 -22.44
CA ASP A 765 14.30 3.42 -22.62
C ASP A 765 13.21 3.60 -23.70
N TYR A 766 13.18 4.75 -24.35
CA TYR A 766 12.08 5.07 -25.27
C TYR A 766 11.99 4.11 -26.47
N GLU A 767 13.09 3.90 -27.16
CA GLU A 767 13.10 3.04 -28.36
C GLU A 767 12.65 1.61 -28.07
N GLU A 768 13.30 0.96 -27.11
CA GLU A 768 12.91 -0.37 -26.70
C GLU A 768 11.46 -0.46 -26.19
N TYR A 769 10.95 0.60 -25.54
CA TYR A 769 9.56 0.62 -25.04
C TYR A 769 8.59 0.61 -26.21
N VAL A 770 8.82 1.51 -27.16
CA VAL A 770 7.94 1.63 -28.32
C VAL A 770 7.90 0.32 -29.11
N LYS A 771 9.06 -0.26 -29.35
CA LYS A 771 9.17 -1.56 -30.02
C LYS A 771 8.47 -2.67 -29.27
N CYS A 772 8.64 -2.71 -27.94
CA CYS A 772 7.95 -3.72 -27.14
C CYS A 772 6.40 -3.56 -27.21
N GLN A 773 5.92 -2.31 -27.18
CA GLN A 773 4.48 -1.98 -27.37
C GLN A 773 3.91 -2.45 -28.72
N GLU A 774 4.74 -2.47 -29.77
CA GLU A 774 4.36 -3.05 -31.08
C GLU A 774 4.16 -4.57 -30.97
N ARG A 775 5.03 -5.26 -30.22
CA ARG A 775 4.82 -6.69 -29.99
C ARG A 775 3.53 -7.00 -29.20
N VAL A 776 3.17 -6.11 -28.28
CA VAL A 776 1.92 -6.25 -27.55
C VAL A 776 0.73 -6.19 -28.52
N SER A 777 0.71 -5.16 -29.36
CA SER A 777 -0.32 -4.95 -30.36
C SER A 777 -0.46 -6.17 -31.28
N ALA A 778 0.67 -6.70 -31.73
CA ALA A 778 0.68 -7.87 -32.58
C ALA A 778 -0.03 -9.03 -31.92
N LEU A 779 0.29 -9.31 -30.67
CA LEU A 779 -0.34 -10.42 -29.97
C LEU A 779 -1.84 -10.21 -29.78
N TYR A 780 -2.24 -8.98 -29.50
CA TYR A 780 -3.66 -8.69 -29.23
C TYR A 780 -4.56 -8.96 -30.45
N LYS A 781 -4.00 -8.85 -31.66
CA LYS A 781 -4.70 -9.22 -32.91
C LYS A 781 -5.07 -10.70 -33.00
N ASN A 782 -4.42 -11.55 -32.19
CA ASN A 782 -4.66 -12.99 -32.14
C ASN A 782 -5.26 -13.39 -30.78
N PRO A 783 -6.58 -13.18 -30.60
CA PRO A 783 -7.26 -13.39 -29.31
C PRO A 783 -6.92 -14.69 -28.60
N ARG A 784 -6.85 -15.77 -29.37
CA ARG A 784 -6.69 -17.10 -28.78
C ARG A 784 -5.32 -17.21 -28.11
N GLU A 785 -4.30 -16.68 -28.78
CA GLU A 785 -2.93 -16.75 -28.26
C GLU A 785 -2.71 -15.71 -27.12
N TRP A 786 -3.34 -14.54 -27.23
CA TRP A 786 -3.35 -13.57 -26.13
C TRP A 786 -3.90 -14.26 -24.86
N THR A 787 -5.11 -14.84 -25.00
CA THR A 787 -5.73 -15.52 -23.87
C THR A 787 -4.92 -16.69 -23.37
N ARG A 788 -4.23 -17.39 -24.25
CA ARG A 788 -3.37 -18.49 -23.80
C ARG A 788 -2.21 -17.97 -22.95
N MET A 789 -1.63 -16.84 -23.34
CA MET A 789 -0.56 -16.22 -22.56
C MET A 789 -1.10 -15.77 -21.18
N VAL A 790 -2.30 -15.19 -21.16
CA VAL A 790 -2.97 -14.80 -19.93
C VAL A 790 -3.14 -15.97 -18.96
N ILE A 791 -3.62 -17.09 -19.47
CA ILE A 791 -3.78 -18.27 -18.62
C ILE A 791 -2.46 -18.64 -17.99
N ARG A 792 -1.39 -18.52 -18.76
CA ARG A 792 -0.07 -18.87 -18.23
C ARG A 792 0.40 -17.91 -17.11
N ASN A 793 -0.03 -16.66 -17.17
CA ASN A 793 0.24 -15.69 -16.09
C ASN A 793 -0.60 -16.03 -14.83
N ILE A 794 -1.90 -16.13 -15.01
CA ILE A 794 -2.79 -16.40 -13.87
C ILE A 794 -2.35 -17.66 -13.16
N ALA A 795 -2.04 -18.67 -13.94
CA ALA A 795 -1.63 -19.97 -13.43
C ALA A 795 -0.37 -19.96 -12.58
N THR A 796 0.52 -19.00 -12.83
CA THR A 796 1.81 -18.93 -12.12
C THR A 796 1.87 -17.76 -11.09
N SER A 797 0.73 -17.14 -10.83
CA SER A 797 0.68 -15.98 -9.93
C SER A 797 0.65 -16.34 -8.44
N GLY A 798 0.62 -17.63 -8.13
CA GLY A 798 0.48 -18.10 -6.75
C GLY A 798 1.50 -17.65 -5.73
N LYS A 799 2.76 -17.53 -6.15
CA LYS A 799 3.83 -17.06 -5.26
C LYS A 799 3.49 -15.66 -4.64
N PHE A 800 2.67 -14.89 -5.34
CA PHE A 800 2.38 -13.50 -4.99
C PHE A 800 1.20 -13.28 -4.05
N SER A 801 0.79 -14.36 -3.39
CA SER A 801 -0.15 -14.33 -2.31
C SER A 801 0.56 -13.82 -1.08
N SER A 802 -0.07 -12.85 -0.40
CA SER A 802 0.43 -12.42 0.91
C SER A 802 0.39 -13.53 1.96
N ASP A 803 -0.35 -14.62 1.72
CA ASP A 803 -0.29 -15.78 2.62
C ASP A 803 1.12 -16.40 2.60
N ARG A 804 1.73 -16.43 1.43
CA ARG A 804 3.11 -16.93 1.27
C ARG A 804 4.08 -15.98 2.02
N THR A 805 3.93 -14.68 1.78
CA THR A 805 4.79 -13.66 2.40
C THR A 805 4.76 -13.75 3.94
N ILE A 806 3.55 -13.77 4.51
CA ILE A 806 3.39 -13.80 5.95
C ILE A 806 3.90 -15.11 6.56
N ALA A 807 3.67 -16.23 5.88
CA ALA A 807 4.25 -17.51 6.37
C ALA A 807 5.76 -17.40 6.45
N GLN A 808 6.39 -16.69 5.51
CA GLN A 808 7.84 -16.48 5.58
C GLN A 808 8.25 -15.54 6.71
N TYR A 809 7.51 -14.44 6.94
CA TYR A 809 7.81 -13.59 8.12
C TYR A 809 7.67 -14.40 9.43
N ALA A 810 6.60 -15.17 9.51
CA ALA A 810 6.32 -15.92 10.73
C ALA A 810 7.46 -16.92 11.06
N ARG A 811 7.86 -17.71 10.06
CA ARG A 811 8.91 -18.72 10.27
C ARG A 811 10.31 -18.15 10.40
N GLU A 812 10.65 -17.16 9.59
CA GLU A 812 12.06 -16.73 9.49
C GLU A 812 12.40 -15.49 10.30
N ILE A 813 11.39 -14.74 10.76
CA ILE A 813 11.60 -13.53 11.55
C ILE A 813 10.94 -13.61 12.92
N TRP A 814 9.65 -13.94 13.00
CA TRP A 814 8.88 -13.86 14.24
C TRP A 814 8.95 -15.12 15.11
N GLY A 815 9.25 -16.25 14.50
CA GLY A 815 9.45 -17.51 15.22
C GLY A 815 8.13 -18.11 15.67
N VAL A 816 7.13 -18.04 14.82
CA VAL A 816 5.82 -18.63 15.10
C VAL A 816 5.42 -19.41 13.89
N GLU A 817 4.53 -20.36 14.10
CA GLU A 817 4.11 -21.28 13.07
C GLU A 817 2.72 -20.89 12.64
N PRO A 818 2.50 -20.66 11.33
CA PRO A 818 1.13 -20.43 10.88
C PRO A 818 0.22 -21.63 11.12
N SER A 819 -1.08 -21.46 10.91
CA SER A 819 -2.04 -22.54 11.06
C SER A 819 -3.30 -22.25 10.25
N ARG A 820 -3.80 -23.26 9.55
CA ARG A 820 -5.03 -23.11 8.76
C ARG A 820 -6.28 -23.68 9.46
N GLN A 821 -6.14 -24.14 10.70
CA GLN A 821 -7.24 -24.77 11.44
C GLN A 821 -8.34 -23.79 11.89
N ARG A 822 -9.60 -24.18 11.65
CA ARG A 822 -10.79 -23.48 12.16
C ARG A 822 -10.78 -23.31 13.67
N LEU A 823 -11.29 -22.17 14.14
CA LEU A 823 -11.75 -22.04 15.52
C LEU A 823 -13.23 -22.38 15.52
N PRO A 824 -13.75 -22.87 16.65
CA PRO A 824 -15.15 -23.31 16.70
C PRO A 824 -16.15 -22.16 16.55
N ALA A 825 -17.16 -22.36 15.72
CA ALA A 825 -18.30 -21.45 15.60
C ALA A 825 -19.43 -21.95 16.48
C14 26R B . 9.04 9.83 4.76
C13 26R B . 8.74 10.18 3.29
C15 26R B . 7.85 11.43 3.26
C10 26R B . 8.14 9.09 2.55
C9 26R B . 8.70 8.75 1.31
C8 26R B . 8.20 7.69 0.53
C11 26R B . 7.04 8.33 3.02
C12 26R B . 6.52 7.28 2.24
C7 26R B . 7.12 6.96 1.00
C6 26R B . 6.62 5.91 0.18
C4 26R B . 7.24 4.53 0.46
C5 26R B . 7.40 4.29 1.94
C2 26R B . 6.37 3.40 -0.19
O3 26R B . 5.14 3.43 -0.25
N1 26R B . 7.09 2.42 -0.70
C1' 26R B . 6.48 1.31 -1.42
O5' 26R B . 6.32 0.17 -0.57
C5' 26R B . 5.61 -0.85 -1.27
C6' 26R B . 5.31 -1.97 -0.28
O6' 26R B . 6.57 -2.60 -0.01
C4' 26R B . 6.44 -1.36 -2.51
O4' 26R B . 5.70 -2.35 -3.25
C3' 26R B . 6.81 -0.20 -3.45
O3' 26R B . 7.76 -0.65 -4.44
C2' 26R B . 7.43 0.96 -2.62
O2' 26R B . 7.67 2.13 -3.42
#